data_7DFG
#
_entry.id   7DFG
#
loop_
_entity.id
_entity.type
_entity.pdbx_description
1 polymer "RNA (5'-R(P*AP*GP*AP*UP*UP*AP*AP*GP*UP*UP*AP*U)-3')"
2 polymer "RNA (5'-R(P*CP*CP*CP*UP*AP*UP*AP*AP*CP*UP*UP*AP*AP*UP*CP*U)-3')"
3 polymer 'RNA-directed RNA polymerase'
4 polymer 'Non-structural protein 8'
5 polymer 'Non-structural protein 7'
6 non-polymer 6-fluoro-3-oxo-4-(5-O-phosphono-beta-D-ribofuranosyl)-3,4-dihydropyrazine-2-carboxamide
7 non-polymer 'ZINC ION'
8 non-polymer 'PYROPHOSPHATE 2-'
9 non-polymer 'MAGNESIUM ION'
10 water water
#
loop_
_entity_poly.entity_id
_entity_poly.type
_entity_poly.pdbx_seq_one_letter_code
_entity_poly.pdbx_strand_id
1 'polyribonucleotide' AGAUUAAGUUAU P
2 'polyribonucleotide' CCCUAUAACUUAAUCU T
3 'polypeptide(L)'
;MSADAQSFLNRVCGVSAARLTPCGTGTSTDVVYRAFDIYNDKVAGFAKFLKTNCCRFQEKDEDDNLIDSYFVVKRHTFSN
YQHEETIYNLLKDCPAVAKHDFFKFRIDGDMVPHISRQRLTKYTMADLVYALRHFDEGNCDTLKEILVTYNCCDDDYFNK
KDWYDFVENPDILRVYANLGERVRQALLKTVQFCDAMRNAGIVGVLTLDNQDLNGNWYDFGDFIQTTPGSGVPVVDSYYS
LLMPILTLTRALTAESHVDTDLTKPYIKWDLLKYDFTEERLKLFDRYFKYWDQTYHPNCVNCLDDRCILHCANFNVLFST
VFPPTSFGPLVRKIFVDGVPFVVSTGYHFRELGVVHNQDVNLHSSRLSFKELLVYAADPAMHAASGNLLLDKRTTCFSVA
ALTNNVAFQTVKPGNFNKDFYDFAVSKGFFKEGSSVELKHFFFAQDGNAAISDYDYYRYNLPTMCDIRQLLFVVEVVDKY
FDCYDGGCINANQVIVNNLDKSAGFPFNKWGKARLYYDSMSYEDQDALFAYTKRNVIPTITQMNLKYAISAKNRARTVAG
VSICSTMTNRQFHQKLLKSIAATRGATVVIGTSKFYGGWHNMLKTVYSDVENPHLMGWDYPKCDRAMPNMLRIMASLVLA
RKHTTCCSLSHRFYRLANECAQVLSEMVMCGGSLYVKPGGTSSGDATTAYANSVFNICQAVTANVNALLSTDGNKIADKY
VRNLQHRLYECLYRNRDVDTDFVNEFYAYLRKHFSMMILSDDAVVCFNSTYASQGLVASIKNFKSVLYYQNNVFMSEAKC
WTETDLTKGPHEFCSQHTMLVKQGDDYVYLPYPDPSRILGAGCFVDDIVKTDGTLMIERFVSLAIDAYPLTKHPNQEYAD
VFHLYLQYIRKLHDELTGHMLDMYSVMLTNDNTSRYWEPEFYEAMYTPHTVLQGGSENLYFQG
;
A
4 'polypeptide(L)'
;MAIASEFSSLPSYAAFATAQEAYEQAVANGDSEVVLKKLKKSLNVAKSEFDRDAAMQRKLEKMADQAMTQMYKQARSEDK
RAKVTSAMQTMLFTMLRKLDNDALNNIINNARDGCVPLNIIPLTTAAKLMVVIPDYNTYKNTCDGTTFTYASALWEIQQV
VDADSKIVQLSEISMDNSPNLAWPLIVTALRANSAVKLQ
;
B,G
5 'polypeptide(L)'
;MSKMSDVKCTSVVLLSVLQQLRVESSSKLWAQCVQLHNDILLAKDTTEAFEKMVSLLSVLLSMQGAVDINKLCEEMLDNR
ATLQ
;
C
#
loop_
_chem_comp.id
_chem_comp.type
_chem_comp.name
_chem_comp.formula
1RP non-polymer 6-fluoro-3-oxo-4-(5-O-phosphono-beta-D-ribofuranosyl)-3,4-dihydropyrazine-2-carboxamide 'C10 H13 F N3 O9 P'
A RNA linking ADENOSINE-5'-MONOPHOSPHATE 'C10 H14 N5 O7 P'
C RNA linking CYTIDINE-5'-MONOPHOSPHATE 'C9 H14 N3 O8 P'
G RNA linking GUANOSINE-5'-MONOPHOSPHATE 'C10 H14 N5 O8 P'
MG non-polymer 'MAGNESIUM ION' 'Mg 2'
POP non-polymer 'PYROPHOSPHATE 2-' 'H2 O7 P2 -2'
U RNA linking URIDINE-5'-MONOPHOSPHATE 'C9 H13 N2 O9 P'
ZN non-polymer 'ZINC ION' 'Zn 2'
#
# COMPACT_ATOMS: atom_id res chain seq x y z
N GLN C 6 -19.92 13.46 53.27
CA GLN C 6 -19.70 14.77 52.65
C GLN C 6 -18.63 15.56 53.39
N SER C 7 -18.36 15.19 54.64
CA SER C 7 -17.24 15.82 55.34
C SER C 7 -15.91 15.30 54.84
N PHE C 8 -15.90 14.12 54.22
CA PHE C 8 -14.72 13.65 53.51
C PHE C 8 -14.53 14.42 52.21
N LEU C 9 -15.60 14.95 51.65
CA LEU C 9 -15.52 15.63 50.35
C LEU C 9 -14.85 17.00 50.49
N ASN C 10 -15.12 17.71 51.58
CA ASN C 10 -14.58 19.04 51.75
C ASN C 10 -13.12 19.04 52.22
N ARG C 11 -12.65 17.92 52.78
CA ARG C 11 -11.22 17.79 53.01
C ARG C 11 -10.48 17.47 51.71
N VAL C 12 -11.12 16.72 50.81
CA VAL C 12 -10.54 16.44 49.51
C VAL C 12 -10.50 17.70 48.66
N CYS C 13 -11.54 18.54 48.79
CA CYS C 13 -11.60 19.81 48.07
C CYS C 13 -10.44 20.73 48.44
N GLY C 14 -10.03 20.73 49.71
CA GLY C 14 -8.82 21.39 50.11
C GLY C 14 -8.93 22.90 50.06
N VAL C 15 -7.79 23.55 49.87
CA VAL C 15 -7.73 24.99 49.67
C VAL C 15 -7.83 25.36 48.20
N SER C 16 -8.00 24.37 47.32
CA SER C 16 -7.99 24.62 45.89
C SER C 16 -9.30 25.25 45.41
N ALA C 17 -10.32 25.24 46.27
CA ALA C 17 -11.64 25.85 46.02
C ALA C 17 -12.29 25.28 44.77
N ALA C 18 -12.32 23.96 44.67
CA ALA C 18 -12.89 23.27 43.53
C ALA C 18 -14.24 22.69 43.89
N ARG C 19 -15.22 22.86 43.01
CA ARG C 19 -16.53 22.29 43.25
C ARG C 19 -16.54 20.83 42.85
N LEU C 20 -16.74 19.94 43.82
CA LEU C 20 -16.53 18.52 43.60
C LEU C 20 -17.83 17.76 43.73
N THR C 21 -18.08 16.88 42.78
CA THR C 21 -19.13 15.89 42.90
C THR C 21 -18.49 14.52 43.06
N PRO C 22 -19.12 13.60 43.79
CA PRO C 22 -18.53 12.26 43.91
C PRO C 22 -18.70 11.47 42.63
N CYS C 23 -17.59 10.96 42.11
CA CYS C 23 -17.65 10.06 40.97
C CYS C 23 -18.05 8.67 41.42
N GLY C 24 -17.60 8.27 42.60
CA GLY C 24 -18.11 7.09 43.27
C GLY C 24 -19.34 7.41 44.08
N THR C 25 -19.50 6.68 45.19
CA THR C 25 -20.62 6.88 46.10
C THR C 25 -20.11 6.98 47.54
N GLY C 26 -20.41 8.11 48.18
CA GLY C 26 -20.15 8.24 49.61
C GLY C 26 -18.67 8.39 49.93
N THR C 27 -18.20 7.56 50.85
CA THR C 27 -16.79 7.56 51.22
C THR C 27 -16.07 6.31 50.75
N SER C 28 -16.71 5.50 49.90
CA SER C 28 -16.13 4.24 49.48
C SER C 28 -15.12 4.46 48.36
N THR C 29 -14.41 3.39 48.03
CA THR C 29 -13.41 3.42 46.97
C THR C 29 -14.06 3.04 45.63
N ASP C 30 -13.82 3.85 44.61
CA ASP C 30 -14.35 3.58 43.28
C ASP C 30 -13.59 2.43 42.63
N VAL C 31 -14.22 1.82 41.63
CA VAL C 31 -13.63 0.71 40.87
C VAL C 31 -13.63 1.10 39.40
N VAL C 32 -12.44 1.20 38.81
CA VAL C 32 -12.31 1.51 37.39
C VAL C 32 -11.62 0.34 36.71
N TYR C 33 -11.63 0.37 35.39
CA TYR C 33 -11.06 -0.71 34.57
C TYR C 33 -10.08 -0.08 33.57
N ARG C 34 -8.80 -0.10 33.89
CA ARG C 34 -7.83 0.70 33.16
C ARG C 34 -6.66 -0.17 32.72
N ALA C 35 -5.88 0.38 31.80
CA ALA C 35 -4.71 -0.29 31.27
C ALA C 35 -3.48 0.11 32.05
N PHE C 36 -2.73 -0.89 32.51
CA PHE C 36 -1.52 -0.68 33.27
C PHE C 36 -0.39 -1.43 32.61
N ASP C 37 0.76 -0.77 32.54
CA ASP C 37 2.04 -1.41 32.27
C ASP C 37 2.63 -1.78 33.62
N ILE C 38 2.95 -3.05 33.80
CA ILE C 38 3.20 -3.60 35.13
C ILE C 38 4.31 -4.63 35.03
N TYR C 39 5.13 -4.67 36.07
CA TYR C 39 6.22 -5.64 36.15
C TYR C 39 6.53 -5.89 37.60
N ASN C 40 6.09 -7.04 38.11
CA ASN C 40 6.43 -7.48 39.46
C ASN C 40 7.26 -8.74 39.34
N ASP C 41 7.48 -9.42 40.46
CA ASP C 41 7.89 -10.80 40.42
C ASP C 41 6.70 -11.74 40.51
N LYS C 42 5.49 -11.23 40.36
CA LYS C 42 4.28 -12.03 40.34
C LYS C 42 3.41 -11.84 39.10
N VAL C 43 3.64 -10.78 38.33
CA VAL C 43 2.90 -10.52 37.10
C VAL C 43 3.77 -9.59 36.26
N ALA C 44 3.61 -9.67 34.94
CA ALA C 44 4.22 -8.74 34.03
C ALA C 44 3.26 -8.50 32.87
N GLY C 45 3.41 -7.37 32.20
CA GLY C 45 2.61 -7.14 31.01
C GLY C 45 2.08 -5.74 30.83
N PHE C 46 1.52 -5.47 29.67
CA PHE C 46 0.86 -4.20 29.40
C PHE C 46 -0.60 -4.56 29.12
N ALA C 47 -1.39 -4.62 30.18
CA ALA C 47 -2.70 -5.23 30.07
C ALA C 47 -3.72 -4.38 30.79
N LYS C 48 -4.99 -4.68 30.52
CA LYS C 48 -6.09 -4.03 31.23
C LYS C 48 -6.39 -4.80 32.49
N PHE C 49 -6.27 -4.12 33.63
CA PHE C 49 -6.64 -4.64 34.92
C PHE C 49 -7.73 -3.77 35.51
N LEU C 50 -8.11 -4.09 36.72
CA LEU C 50 -9.20 -3.42 37.41
C LEU C 50 -8.64 -2.81 38.69
N LYS C 51 -8.84 -1.51 38.85
CA LYS C 51 -8.21 -0.70 39.88
C LYS C 51 -9.26 -0.33 40.92
N THR C 52 -9.08 -0.83 42.14
CA THR C 52 -9.97 -0.60 43.28
C THR C 52 -9.24 0.14 44.38
N ASN C 53 -8.46 1.15 44.01
CA ASN C 53 -7.49 1.74 44.90
C ASN C 53 -7.84 3.15 45.33
N CYS C 54 -8.68 3.84 44.56
CA CYS C 54 -8.82 5.28 44.66
C CYS C 54 -10.29 5.68 44.70
N CYS C 55 -10.55 6.83 45.32
CA CYS C 55 -11.83 7.52 45.24
C CYS C 55 -11.69 8.65 44.24
N ARG C 56 -12.63 8.77 43.32
CA ARG C 56 -12.57 9.81 42.31
C ARG C 56 -13.64 10.86 42.58
N PHE C 57 -13.31 12.11 42.33
CA PHE C 57 -14.24 13.22 42.50
C PHE C 57 -14.16 14.12 41.28
N GLN C 58 -15.26 14.23 40.55
CA GLN C 58 -15.23 15.03 39.35
C GLN C 58 -15.49 16.49 39.69
N GLU C 59 -14.87 17.37 38.93
CA GLU C 59 -14.93 18.81 39.18
C GLU C 59 -16.00 19.42 38.29
N LYS C 60 -16.88 20.21 38.90
CA LYS C 60 -17.89 20.97 38.19
C LYS C 60 -17.39 22.38 37.97
N ASP C 61 -17.99 23.06 37.01
CA ASP C 61 -17.63 24.43 36.67
C ASP C 61 -18.66 25.36 37.33
N GLU C 62 -18.64 26.65 37.02
CA GLU C 62 -19.61 27.57 37.63
C GLU C 62 -21.01 27.35 37.08
N ASP C 63 -21.12 26.82 35.87
CA ASP C 63 -22.41 26.45 35.30
C ASP C 63 -22.63 24.95 35.36
N ASP C 64 -22.02 24.29 36.36
CA ASP C 64 -22.09 22.86 36.74
C ASP C 64 -22.17 21.89 35.56
N ASN C 65 -21.49 22.22 34.47
CA ASN C 65 -21.11 21.24 33.48
C ASN C 65 -19.79 20.63 33.94
N LEU C 66 -19.63 19.34 33.72
CA LEU C 66 -18.50 18.63 34.29
C LEU C 66 -17.23 18.92 33.51
N ILE C 67 -16.11 18.98 34.22
CA ILE C 67 -14.82 19.31 33.64
C ILE C 67 -14.03 18.01 33.56
N ASP C 68 -12.95 18.04 32.75
CA ASP C 68 -11.98 16.94 32.74
C ASP C 68 -11.02 17.01 33.92
N SER C 69 -11.35 17.74 34.99
CA SER C 69 -10.55 17.68 36.19
C SER C 69 -11.09 16.61 37.12
N TYR C 70 -10.21 15.75 37.61
CA TYR C 70 -10.57 14.72 38.57
C TYR C 70 -9.68 14.86 39.78
N PHE C 71 -10.24 14.58 40.94
CA PHE C 71 -9.49 14.47 42.19
C PHE C 71 -9.43 13.00 42.54
N VAL C 72 -8.22 12.44 42.52
CA VAL C 72 -8.03 11.01 42.66
C VAL C 72 -7.35 10.78 43.99
N VAL C 73 -8.08 10.23 44.94
CA VAL C 73 -7.61 10.11 46.31
C VAL C 73 -7.28 8.64 46.57
N LYS C 74 -6.03 8.37 46.83
CA LYS C 74 -5.52 7.01 46.94
C LYS C 74 -5.49 6.60 48.40
N ARG C 75 -6.15 5.48 48.71
CA ARG C 75 -6.02 4.79 49.99
C ARG C 75 -5.01 3.67 49.85
N HIS C 76 -4.08 3.60 50.79
CA HIS C 76 -3.07 2.56 50.79
C HIS C 76 -2.58 2.40 52.23
N THR C 77 -1.45 1.75 52.39
CA THR C 77 -0.85 1.60 53.71
C THR C 77 -0.18 2.89 54.15
N PHE C 78 0.43 2.85 55.33
CA PHE C 78 0.96 4.06 55.97
C PHE C 78 2.43 4.29 55.66
N SER C 79 3.19 3.21 55.45
CA SER C 79 4.59 3.35 55.06
C SER C 79 4.71 3.95 53.66
N ASN C 80 3.83 3.54 52.75
CA ASN C 80 3.74 4.15 51.43
C ASN C 80 3.34 5.61 51.52
N TYR C 81 2.52 5.97 52.51
CA TYR C 81 2.12 7.36 52.71
C TYR C 81 3.31 8.23 53.12
N GLN C 82 4.10 7.76 54.09
CA GLN C 82 5.30 8.51 54.49
C GLN C 82 6.33 8.59 53.36
N HIS C 83 6.50 7.49 52.61
CA HIS C 83 7.46 7.44 51.53
C HIS C 83 7.10 8.38 50.40
N GLU C 84 5.84 8.35 49.95
CA GLU C 84 5.38 9.25 48.91
C GLU C 84 5.35 10.69 49.37
N GLU C 85 5.14 10.95 50.66
CA GLU C 85 5.27 12.32 51.15
C GLU C 85 6.69 12.84 51.05
N THR C 86 7.68 12.01 51.38
CA THR C 86 9.07 12.44 51.25
C THR C 86 9.47 12.67 49.80
N ILE C 87 9.09 11.74 48.92
CA ILE C 87 9.42 11.88 47.47
C ILE C 87 8.74 13.12 46.90
N TYR C 88 7.46 13.34 47.24
CA TYR C 88 6.76 14.51 46.74
C TYR C 88 7.39 15.80 47.24
N ASN C 89 7.81 15.83 48.51
CA ASN C 89 8.46 17.03 49.03
C ASN C 89 9.81 17.28 48.38
N LEU C 90 10.47 16.22 47.90
CA LEU C 90 11.65 16.43 47.08
C LEU C 90 11.29 16.97 45.70
N LEU C 91 10.13 16.58 45.15
CA LEU C 91 9.80 16.92 43.78
C LEU C 91 8.62 17.87 43.63
N LYS C 92 8.29 18.66 44.66
CA LYS C 92 7.08 19.46 44.60
C LYS C 92 7.24 20.72 43.75
N ASP C 93 8.46 21.19 43.52
CA ASP C 93 8.67 22.40 42.73
C ASP C 93 8.90 22.11 41.26
N CYS C 94 8.89 20.85 40.86
CA CYS C 94 8.88 20.52 39.44
C CYS C 94 7.50 20.74 38.87
N PRO C 95 7.36 21.42 37.73
CA PRO C 95 6.04 21.72 37.19
C PRO C 95 5.41 20.58 36.42
N ALA C 96 6.10 19.45 36.28
CA ALA C 96 5.58 18.27 35.62
C ALA C 96 4.91 17.32 36.59
N VAL C 97 4.90 17.65 37.86
CA VAL C 97 4.31 16.83 38.90
C VAL C 97 2.92 17.33 39.18
N ALA C 98 1.95 16.44 39.22
CA ALA C 98 0.62 16.80 39.67
C ALA C 98 0.67 17.16 41.14
N LYS C 99 -0.14 18.14 41.52
CA LYS C 99 -0.10 18.64 42.89
C LYS C 99 -0.78 17.64 43.82
N HIS C 100 -0.12 17.35 44.94
CA HIS C 100 -0.57 16.35 45.89
C HIS C 100 -1.08 17.02 47.14
N ASP C 101 -1.89 16.30 47.90
CA ASP C 101 -2.43 16.76 49.18
C ASP C 101 -2.55 15.54 50.07
N PHE C 102 -1.68 15.45 51.07
CA PHE C 102 -1.63 14.31 51.97
C PHE C 102 -2.45 14.63 53.20
N PHE C 103 -3.37 13.74 53.58
CA PHE C 103 -4.09 13.94 54.83
C PHE C 103 -4.48 12.59 55.42
N LYS C 104 -5.17 12.64 56.55
CA LYS C 104 -5.64 11.45 57.25
C LYS C 104 -7.08 11.67 57.69
N PHE C 105 -7.89 10.62 57.60
CA PHE C 105 -9.30 10.78 57.87
C PHE C 105 -9.81 9.64 58.76
N ARG C 106 -10.99 9.84 59.33
CA ARG C 106 -11.62 8.85 60.21
C ARG C 106 -12.64 8.06 59.40
N ILE C 107 -12.19 6.94 58.84
CA ILE C 107 -13.07 5.98 58.18
C ILE C 107 -13.42 4.81 59.11
N ASP C 108 -12.69 4.65 60.21
CA ASP C 108 -12.93 3.61 61.20
C ASP C 108 -14.26 3.80 61.93
N MET C 111 -8.27 5.80 61.94
CA MET C 111 -7.74 6.81 61.04
C MET C 111 -6.85 6.21 59.95
N VAL C 112 -7.18 6.50 58.69
CA VAL C 112 -6.49 5.92 57.54
C VAL C 112 -5.91 7.08 56.73
N PRO C 113 -4.72 6.94 56.14
CA PRO C 113 -4.16 8.02 55.34
C PRO C 113 -4.64 8.02 53.90
N HIS C 114 -4.66 9.22 53.33
CA HIS C 114 -5.14 9.46 51.98
C HIS C 114 -4.16 10.36 51.25
N ILE C 115 -3.89 10.03 50.00
CA ILE C 115 -3.05 10.83 49.12
C ILE C 115 -3.92 11.34 48.00
N SER C 116 -4.26 12.63 48.03
CA SER C 116 -5.14 13.22 47.04
C SER C 116 -4.30 13.82 45.93
N ARG C 117 -4.55 13.42 44.70
CA ARG C 117 -3.90 14.00 43.54
C ARG C 117 -4.93 14.86 42.85
N GLN C 118 -4.56 16.09 42.53
CA GLN C 118 -5.52 17.11 42.17
C GLN C 118 -5.48 17.43 40.68
N ARG C 119 -6.66 17.57 40.09
CA ARG C 119 -6.87 18.01 38.71
C ARG C 119 -6.20 17.09 37.70
N LEU C 120 -6.39 15.79 37.87
CA LEU C 120 -5.97 14.84 36.85
C LEU C 120 -7.03 14.73 35.77
N THR C 121 -6.68 14.08 34.68
CA THR C 121 -7.65 13.77 33.64
C THR C 121 -8.38 12.47 33.99
N LYS C 122 -9.32 12.10 33.15
CA LYS C 122 -10.05 10.86 33.37
C LYS C 122 -9.18 9.66 33.03
N TYR C 123 -8.37 9.79 31.99
CA TYR C 123 -7.57 8.70 31.46
C TYR C 123 -6.09 9.05 31.57
N THR C 124 -5.27 8.03 31.60
CA THR C 124 -3.83 8.18 31.61
C THR C 124 -3.28 8.12 30.18
N MET C 125 -1.96 8.18 30.06
CA MET C 125 -1.33 7.98 28.76
C MET C 125 -1.33 6.51 28.38
N ALA C 126 -1.38 5.63 29.37
CA ALA C 126 -1.48 4.19 29.12
C ALA C 126 -2.80 3.83 28.49
N ASP C 127 -3.85 4.58 28.77
CA ASP C 127 -5.15 4.29 28.19
C ASP C 127 -5.21 4.68 26.73
N LEU C 128 -4.58 5.79 26.37
CA LEU C 128 -4.48 6.17 24.97
C LEU C 128 -3.63 5.18 24.19
N VAL C 129 -2.50 4.77 24.77
CA VAL C 129 -1.60 3.85 24.10
C VAL C 129 -2.23 2.47 23.97
N TYR C 130 -2.98 2.01 24.97
CA TYR C 130 -3.69 0.76 24.85
C TYR C 130 -4.85 0.87 23.88
N ALA C 131 -5.51 2.03 23.82
CA ALA C 131 -6.62 2.22 22.90
C ALA C 131 -6.16 2.10 21.47
N LEU C 132 -5.00 2.63 21.14
CA LEU C 132 -4.54 2.57 19.77
C LEU C 132 -3.71 1.33 19.45
N ARG C 133 -3.09 0.68 20.43
CA ARG C 133 -2.30 -0.51 20.16
C ARG C 133 -3.05 -1.81 20.38
N HIS C 134 -4.27 -1.77 20.88
CA HIS C 134 -5.13 -2.93 20.96
C HIS C 134 -6.51 -2.59 20.43
N PHE C 135 -6.52 -1.97 19.26
CA PHE C 135 -7.75 -1.46 18.67
C PHE C 135 -8.67 -2.58 18.24
N ASP C 136 -9.94 -2.41 18.57
CA ASP C 136 -10.99 -3.31 18.11
C ASP C 136 -12.21 -2.44 17.87
N GLU C 137 -12.71 -2.43 16.66
CA GLU C 137 -13.91 -1.67 16.41
C GLU C 137 -15.09 -2.45 16.98
N GLY C 138 -16.08 -1.73 17.47
CA GLY C 138 -17.12 -2.37 18.24
C GLY C 138 -16.77 -2.63 19.69
N ASN C 139 -15.53 -2.38 20.10
CA ASN C 139 -15.13 -2.39 21.50
C ASN C 139 -14.13 -1.28 21.78
N CYS C 140 -14.37 -0.09 21.21
CA CYS C 140 -13.50 1.06 21.39
C CYS C 140 -14.30 2.19 22.03
N ASP C 141 -14.37 2.19 23.35
CA ASP C 141 -15.07 3.24 24.06
C ASP C 141 -14.13 4.25 24.68
N THR C 142 -12.96 3.80 25.12
CA THR C 142 -11.94 4.70 25.63
C THR C 142 -11.39 5.60 24.52
N LEU C 143 -11.21 5.04 23.33
CA LEU C 143 -10.71 5.83 22.21
C LEU C 143 -11.73 6.88 21.77
N LYS C 144 -13.01 6.51 21.76
CA LYS C 144 -14.05 7.48 21.42
C LYS C 144 -14.17 8.56 22.47
N GLU C 145 -14.05 8.20 23.76
CA GLU C 145 -14.12 9.21 24.80
C GLU C 145 -12.91 10.13 24.80
N ILE C 146 -11.74 9.62 24.44
CA ILE C 146 -10.55 10.46 24.36
C ILE C 146 -10.64 11.39 23.17
N LEU C 147 -11.20 10.91 22.05
CA LEU C 147 -11.29 11.76 20.87
C LEU C 147 -12.34 12.84 21.03
N VAL C 148 -13.46 12.54 21.68
CA VAL C 148 -14.49 13.54 21.86
C VAL C 148 -14.14 14.51 22.98
N THR C 149 -13.44 14.01 24.01
CA THR C 149 -13.07 14.86 25.14
C THR C 149 -12.10 15.96 24.74
N TYR C 150 -11.04 15.62 24.01
CA TYR C 150 -10.00 16.59 23.67
C TYR C 150 -10.24 17.23 22.32
N ASN C 151 -11.50 17.29 21.88
CA ASN C 151 -11.96 18.08 20.72
C ASN C 151 -11.30 17.65 19.41
N CYS C 152 -10.99 16.37 19.30
CA CYS C 152 -10.41 15.85 18.07
C CYS C 152 -11.46 15.71 17.00
N CYS C 153 -12.69 15.34 17.40
CA CYS C 153 -13.83 15.28 16.51
C CYS C 153 -15.08 15.40 17.37
N ASP C 154 -16.22 15.50 16.71
CA ASP C 154 -17.49 15.51 17.42
C ASP C 154 -17.91 14.08 17.73
N ASP C 155 -18.97 13.95 18.55
CA ASP C 155 -19.42 12.63 18.95
C ASP C 155 -20.12 11.91 17.81
N ASP C 156 -20.73 12.66 16.89
CA ASP C 156 -21.44 12.05 15.77
C ASP C 156 -20.53 11.81 14.59
N TYR C 157 -19.22 11.90 14.78
CA TYR C 157 -18.26 11.46 13.77
C TYR C 157 -18.31 9.95 13.61
N PHE C 158 -18.60 9.23 14.70
CA PHE C 158 -18.51 7.78 14.67
C PHE C 158 -19.77 7.14 14.12
N ASN C 159 -20.80 7.93 13.83
CA ASN C 159 -22.00 7.37 13.22
C ASN C 159 -21.75 7.03 11.76
N LYS C 160 -20.77 7.69 11.15
CA LYS C 160 -20.24 7.27 9.88
C LYS C 160 -19.64 5.88 10.02
N LYS C 161 -20.08 4.95 9.19
CA LYS C 161 -19.53 3.61 9.26
C LYS C 161 -18.16 3.63 8.61
N ASP C 162 -17.27 2.77 9.12
CA ASP C 162 -15.84 2.75 8.80
C ASP C 162 -15.20 4.10 9.07
N TRP C 163 -15.46 4.68 10.25
CA TRP C 163 -14.79 5.93 10.59
C TRP C 163 -13.32 5.70 10.91
N TYR C 164 -12.98 4.50 11.35
CA TYR C 164 -11.67 4.11 11.84
C TYR C 164 -10.73 3.66 10.74
N ASP C 165 -11.27 3.33 9.58
CA ASP C 165 -10.53 2.67 8.53
C ASP C 165 -9.60 3.67 7.87
N PHE C 166 -8.31 3.33 7.83
CA PHE C 166 -7.31 4.23 7.25
C PHE C 166 -7.45 4.38 5.74
N VAL C 167 -8.07 3.41 5.08
CA VAL C 167 -8.16 3.37 3.64
C VAL C 167 -9.52 3.88 3.15
N GLU C 168 -10.61 3.39 3.74
CA GLU C 168 -11.92 3.85 3.34
C GLU C 168 -12.27 5.20 3.95
N ASN C 169 -11.49 5.69 4.90
CA ASN C 169 -11.70 7.01 5.50
C ASN C 169 -10.37 7.59 5.92
N PRO C 170 -9.62 8.18 5.00
CA PRO C 170 -8.33 8.77 5.34
C PRO C 170 -8.41 10.09 6.08
N ASP C 171 -9.60 10.55 6.46
CA ASP C 171 -9.79 11.69 7.33
C ASP C 171 -9.52 11.35 8.80
N ILE C 172 -9.41 10.07 9.14
CA ILE C 172 -9.12 9.68 10.52
C ILE C 172 -7.69 10.06 10.90
N LEU C 173 -6.81 10.27 9.93
CA LEU C 173 -5.46 10.72 10.21
C LEU C 173 -5.44 12.16 10.68
N ARG C 174 -6.36 12.98 10.14
CA ARG C 174 -6.55 14.34 10.62
C ARG C 174 -7.11 14.38 12.04
N VAL C 175 -7.92 13.38 12.40
CA VAL C 175 -8.48 13.32 13.75
C VAL C 175 -7.42 12.86 14.74
N TYR C 176 -6.67 11.82 14.40
CA TYR C 176 -5.60 11.34 15.28
C TYR C 176 -4.49 12.36 15.40
N ALA C 177 -4.29 13.17 14.38
CA ALA C 177 -3.29 14.22 14.42
C ALA C 177 -3.71 15.43 15.26
N ASN C 178 -4.95 15.47 15.74
CA ASN C 178 -5.34 16.48 16.70
C ASN C 178 -5.03 16.08 18.14
N LEU C 179 -4.57 14.86 18.36
CA LEU C 179 -3.98 14.46 19.62
C LEU C 179 -2.50 14.73 19.67
N GLY C 180 -1.91 15.36 18.65
CA GLY C 180 -0.47 15.38 18.53
C GLY C 180 0.22 16.33 19.49
N GLU C 181 -0.32 17.54 19.65
CA GLU C 181 0.29 18.50 20.56
C GLU C 181 0.11 18.08 22.00
N ARG C 182 -0.96 17.34 22.28
CA ARG C 182 -1.17 16.71 23.58
C ARG C 182 -0.04 15.74 23.91
N VAL C 183 0.32 14.87 22.97
CA VAL C 183 1.40 13.91 23.16
C VAL C 183 2.76 14.61 23.22
N ARG C 184 2.94 15.70 22.47
CA ARG C 184 4.21 16.41 22.50
C ARG C 184 4.42 17.14 23.83
N GLN C 185 3.36 17.72 24.38
CA GLN C 185 3.45 18.30 25.71
C GLN C 185 3.71 17.24 26.76
N ALA C 186 3.14 16.05 26.58
CA ALA C 186 3.42 14.93 27.48
C ALA C 186 4.89 14.52 27.45
N LEU C 187 5.50 14.49 26.27
CA LEU C 187 6.92 14.18 26.16
C LEU C 187 7.80 15.23 26.83
N LEU C 188 7.46 16.51 26.64
CA LEU C 188 8.24 17.58 27.26
C LEU C 188 8.12 17.55 28.78
N LYS C 189 6.95 17.19 29.29
CA LYS C 189 6.79 17.05 30.74
C LYS C 189 7.53 15.82 31.27
N THR C 190 7.67 14.78 30.47
CA THR C 190 8.47 13.63 30.92
C THR C 190 9.95 13.99 31.01
N VAL C 191 10.45 14.80 30.07
CA VAL C 191 11.85 15.24 30.16
C VAL C 191 12.06 16.14 31.38
N GLN C 192 11.10 17.01 31.69
CA GLN C 192 11.19 17.83 32.89
C GLN C 192 11.16 17.01 34.17
N PHE C 193 10.32 15.97 34.20
CA PHE C 193 10.24 15.11 35.38
C PHE C 193 11.50 14.26 35.55
N CYS C 194 12.08 13.83 34.44
CA CYS C 194 13.35 13.09 34.50
C CYS C 194 14.49 13.98 34.98
N ASP C 195 14.49 15.26 34.57
CA ASP C 195 15.50 16.19 35.06
C ASP C 195 15.33 16.46 36.54
N ALA C 196 14.09 16.54 37.00
CA ALA C 196 13.85 16.71 38.43
C ALA C 196 14.27 15.48 39.24
N MET C 197 14.06 14.28 38.69
CA MET C 197 14.51 13.06 39.37
C MET C 197 16.02 12.96 39.39
N ARG C 198 16.69 13.41 38.33
CA ARG C 198 18.15 13.35 38.31
C ARG C 198 18.76 14.38 39.24
N ASN C 199 18.15 15.56 39.37
CA ASN C 199 18.70 16.55 40.28
C ASN C 199 18.42 16.20 41.73
N ALA C 200 17.25 15.64 42.03
CA ALA C 200 16.92 15.28 43.39
C ALA C 200 17.57 13.97 43.85
N GLY C 201 18.07 13.16 42.92
CA GLY C 201 18.70 11.90 43.28
C GLY C 201 17.74 10.75 43.48
N ILE C 202 16.72 10.64 42.65
CA ILE C 202 15.64 9.70 42.84
C ILE C 202 15.68 8.69 41.70
N VAL C 203 15.69 7.40 42.04
CA VAL C 203 15.68 6.34 41.04
C VAL C 203 14.29 5.71 41.02
N GLY C 204 13.88 5.26 39.84
CA GLY C 204 12.57 4.66 39.68
C GLY C 204 12.20 4.49 38.23
N VAL C 205 11.22 3.66 37.95
CA VAL C 205 10.77 3.41 36.59
C VAL C 205 9.61 4.35 36.27
N LEU C 206 9.71 5.04 35.15
CA LEU C 206 8.61 5.84 34.65
C LEU C 206 7.66 4.95 33.87
N THR C 207 6.40 4.94 34.27
CA THR C 207 5.41 4.07 33.65
C THR C 207 4.31 4.94 33.08
N LEU C 208 3.68 4.47 32.01
CA LEU C 208 2.68 5.28 31.33
C LEU C 208 1.38 5.43 32.12
N ASP C 209 1.06 4.50 33.01
CA ASP C 209 -0.18 4.63 33.78
C ASP C 209 -0.06 5.61 34.94
N ASN C 210 1.13 6.15 35.19
CA ASN C 210 1.33 7.19 36.18
C ASN C 210 1.48 8.56 35.55
N GLN C 211 0.91 8.78 34.39
CA GLN C 211 1.02 10.07 33.73
C GLN C 211 -0.30 10.41 33.07
N ASP C 212 -0.76 11.63 33.29
CA ASP C 212 -2.03 12.08 32.75
C ASP C 212 -1.91 12.39 31.27
N LEU C 213 -3.07 12.58 30.66
CA LEU C 213 -3.07 13.18 29.34
C LEU C 213 -2.71 14.65 29.37
N ASN C 214 -2.90 15.33 30.50
CA ASN C 214 -2.36 16.68 30.67
C ASN C 214 -0.85 16.66 30.73
N GLY C 215 -0.25 15.54 31.12
CA GLY C 215 1.19 15.39 31.17
C GLY C 215 1.76 15.32 32.56
N ASN C 216 0.93 15.35 33.58
CA ASN C 216 1.40 15.43 34.95
C ASN C 216 1.67 14.05 35.53
N TRP C 217 2.73 13.95 36.32
CA TRP C 217 3.18 12.68 36.87
C TRP C 217 2.78 12.54 38.34
N TYR C 218 2.65 11.29 38.78
CA TYR C 218 2.28 10.97 40.15
C TYR C 218 2.74 9.53 40.42
N ASP C 219 2.22 8.96 41.51
CA ASP C 219 2.52 7.59 41.97
C ASP C 219 4.02 7.40 42.24
N PHE C 220 4.47 8.04 43.32
CA PHE C 220 5.84 7.98 43.78
C PHE C 220 6.13 6.79 44.68
N GLY C 221 5.26 5.79 44.69
CA GLY C 221 5.37 4.72 45.66
C GLY C 221 6.44 3.70 45.41
N ASP C 222 7.13 3.75 44.28
CA ASP C 222 8.21 2.81 44.00
C ASP C 222 9.53 3.53 43.80
N PHE C 223 9.57 4.83 44.05
CA PHE C 223 10.77 5.61 43.86
C PHE C 223 11.67 5.46 45.08
N ILE C 224 12.96 5.39 44.85
CA ILE C 224 13.95 5.21 45.91
C ILE C 224 14.87 6.42 45.89
N GLN C 225 15.14 6.97 47.07
CA GLN C 225 16.01 8.13 47.17
C GLN C 225 17.47 7.70 47.22
N THR C 226 18.33 8.48 46.57
CA THR C 226 19.77 8.30 46.62
C THR C 226 20.39 9.66 46.88
N THR C 227 21.69 9.81 46.65
CA THR C 227 22.30 11.13 46.76
C THR C 227 21.90 12.01 45.58
N PRO C 228 21.66 13.30 45.81
CA PRO C 228 21.23 14.17 44.72
C PRO C 228 22.33 14.40 43.69
N GLY C 229 21.89 14.78 42.50
CA GLY C 229 22.74 14.77 41.32
C GLY C 229 22.85 13.43 40.63
N SER C 230 22.52 12.33 41.31
CA SER C 230 22.75 10.98 40.83
C SER C 230 21.46 10.21 40.66
N GLY C 231 20.37 10.88 40.27
CA GLY C 231 19.14 10.18 40.00
C GLY C 231 19.17 9.51 38.64
N VAL C 232 18.63 8.29 38.59
CA VAL C 232 18.57 7.53 37.35
C VAL C 232 17.11 7.21 37.06
N PRO C 233 16.48 7.86 36.10
CA PRO C 233 15.13 7.47 35.71
C PRO C 233 15.15 6.38 34.64
N VAL C 234 14.35 5.35 34.82
CA VAL C 234 14.27 4.24 33.87
C VAL C 234 13.09 4.50 32.95
N VAL C 235 13.38 4.73 31.67
CA VAL C 235 12.38 5.21 30.73
C VAL C 235 12.28 4.33 29.50
N ASP C 236 12.58 3.05 29.63
CA ASP C 236 12.67 2.21 28.43
C ASP C 236 11.30 1.75 27.97
N SER C 237 10.52 1.18 28.90
CA SER C 237 9.17 0.75 28.60
C SER C 237 8.27 1.93 28.25
N TYR C 238 8.52 3.10 28.86
CA TYR C 238 7.74 4.31 28.61
C TYR C 238 7.82 4.73 27.15
N TYR C 239 9.02 5.07 26.69
CA TYR C 239 9.18 5.54 25.33
C TYR C 239 8.92 4.45 24.32
N SER C 240 9.27 3.21 24.64
CA SER C 240 9.13 2.15 23.66
C SER C 240 7.66 1.79 23.44
N LEU C 241 6.85 1.75 24.50
CA LEU C 241 5.43 1.56 24.30
C LEU C 241 4.77 2.79 23.72
N LEU C 242 5.33 3.98 23.91
CA LEU C 242 4.74 5.18 23.34
C LEU C 242 5.00 5.33 21.85
N MET C 243 6.07 4.71 21.33
CA MET C 243 6.60 5.03 20.01
C MET C 243 5.67 4.93 18.79
N PRO C 244 4.70 3.99 18.68
CA PRO C 244 3.78 4.07 17.53
C PRO C 244 2.83 5.27 17.55
N ILE C 245 2.46 5.75 18.73
CA ILE C 245 1.59 6.92 18.88
C ILE C 245 2.26 8.19 18.39
N LEU C 246 3.59 8.26 18.41
CA LEU C 246 4.29 9.47 18.01
C LEU C 246 4.17 9.74 16.52
N THR C 247 4.09 8.70 15.71
CA THR C 247 3.85 8.91 14.30
C THR C 247 2.38 8.83 13.92
N LEU C 248 1.58 8.07 14.67
CA LEU C 248 0.16 8.00 14.34
C LEU C 248 -0.53 9.33 14.65
N THR C 249 -0.19 9.96 15.75
CA THR C 249 -0.76 11.25 16.08
C THR C 249 0.03 12.41 15.53
N ARG C 250 1.14 12.15 14.85
CA ARG C 250 2.06 13.13 14.29
C ARG C 250 2.46 14.18 15.33
N ALA C 251 3.19 13.72 16.35
CA ALA C 251 3.40 14.56 17.51
C ALA C 251 4.41 15.66 17.27
N LEU C 252 5.36 15.47 16.35
CA LEU C 252 6.43 16.45 16.17
C LEU C 252 6.13 17.45 15.07
N THR C 253 4.88 17.59 14.63
CA THR C 253 4.56 18.55 13.57
C THR C 253 4.81 19.99 13.99
N ALA C 254 4.69 20.28 15.29
CA ALA C 254 5.02 21.58 15.81
C ALA C 254 6.49 21.92 15.67
N GLU C 255 7.35 20.93 15.49
CA GLU C 255 8.76 21.19 15.27
C GLU C 255 9.05 21.70 13.87
N SER C 256 8.09 21.68 12.97
CA SER C 256 8.30 22.23 11.65
C SER C 256 7.88 23.68 11.54
N HIS C 257 7.45 24.29 12.64
CA HIS C 257 7.02 25.66 12.68
C HIS C 257 8.07 26.54 13.34
N VAL C 258 7.91 27.84 13.18
CA VAL C 258 8.86 28.80 13.71
C VAL C 258 8.66 28.90 15.22
N ASP C 259 9.76 28.79 15.97
CA ASP C 259 9.82 28.81 17.43
C ASP C 259 8.96 27.74 18.09
N THR C 260 8.71 26.65 17.36
CA THR C 260 7.90 25.50 17.78
C THR C 260 6.52 25.94 18.25
N ASP C 261 5.79 26.59 17.35
CA ASP C 261 4.48 27.13 17.66
C ASP C 261 3.58 26.90 16.47
N LEU C 262 2.50 26.15 16.67
CA LEU C 262 1.59 25.80 15.59
C LEU C 262 0.83 26.99 15.03
N THR C 263 0.83 28.12 15.75
CA THR C 263 0.25 29.36 15.26
C THR C 263 1.18 30.12 14.32
N LYS C 264 2.49 29.93 14.47
CA LYS C 264 3.49 30.62 13.66
C LYS C 264 3.58 29.95 12.28
N PRO C 265 4.25 30.57 11.29
CA PRO C 265 4.37 29.90 9.99
C PRO C 265 5.33 28.72 9.98
N TYR C 266 5.53 28.13 8.82
CA TYR C 266 6.48 27.06 8.66
C TYR C 266 7.90 27.60 8.61
N ILE C 267 8.85 26.79 9.07
CA ILE C 267 10.26 27.13 8.92
C ILE C 267 10.64 27.01 7.45
N LYS C 268 11.22 28.07 6.89
CA LYS C 268 11.75 28.03 5.54
C LYS C 268 13.18 27.55 5.62
N TRP C 269 13.41 26.31 5.21
CA TRP C 269 14.76 25.80 5.19
C TRP C 269 15.46 26.23 3.90
N ASP C 270 16.78 26.09 3.89
CA ASP C 270 17.53 26.21 2.66
C ASP C 270 17.18 25.06 1.72
N LEU C 271 17.07 25.36 0.42
CA LEU C 271 16.84 24.28 -0.53
C LEU C 271 18.09 23.44 -0.71
N LEU C 272 19.27 24.06 -0.64
CA LEU C 272 20.52 23.34 -0.79
C LEU C 272 20.91 22.55 0.44
N LYS C 273 20.19 22.70 1.54
CA LYS C 273 20.53 21.97 2.76
C LYS C 273 20.05 20.53 2.64
N TYR C 274 20.93 19.59 2.95
CA TYR C 274 20.56 18.19 3.02
C TYR C 274 20.95 17.53 4.33
N ASP C 275 21.83 18.12 5.13
CA ASP C 275 22.53 17.34 6.13
C ASP C 275 21.65 17.02 7.34
N PHE C 276 21.23 18.04 8.09
CA PHE C 276 20.27 17.95 9.19
C PHE C 276 20.71 17.05 10.33
N THR C 277 22.00 16.76 10.45
CA THR C 277 22.46 15.89 11.54
C THR C 277 22.40 16.58 12.88
N GLU C 278 22.75 17.88 12.93
CA GLU C 278 22.64 18.63 14.16
C GLU C 278 21.20 18.87 14.56
N GLU C 279 20.29 18.98 13.58
CA GLU C 279 18.88 19.14 13.91
C GLU C 279 18.27 17.85 14.45
N ARG C 280 18.71 16.70 13.92
CA ARG C 280 18.29 15.42 14.47
C ARG C 280 18.84 15.20 15.87
N LEU C 281 20.09 15.61 16.11
CA LEU C 281 20.66 15.47 17.43
C LEU C 281 19.97 16.38 18.44
N LYS C 282 19.54 17.57 18.01
CA LYS C 282 18.79 18.45 18.89
C LYS C 282 17.39 17.90 19.18
N LEU C 283 16.75 17.29 18.18
CA LEU C 283 15.44 16.68 18.41
C LEU C 283 15.53 15.51 19.36
N PHE C 284 16.57 14.69 19.22
CA PHE C 284 16.78 13.61 20.16
C PHE C 284 17.13 14.11 21.55
N ASP C 285 17.85 15.22 21.65
CA ASP C 285 18.15 15.76 22.97
C ASP C 285 16.93 16.39 23.61
N ARG C 286 16.00 16.91 22.81
CA ARG C 286 14.84 17.54 23.39
C ARG C 286 13.81 16.53 23.85
N TYR C 287 13.48 15.53 23.03
CA TYR C 287 12.36 14.68 23.37
C TYR C 287 12.74 13.36 24.02
N PHE C 288 13.96 12.89 23.85
CA PHE C 288 14.37 11.58 24.31
C PHE C 288 15.68 11.67 25.05
N LYS C 289 15.76 12.59 26.00
CA LYS C 289 17.04 12.93 26.62
C LYS C 289 17.59 11.78 27.46
N TYR C 290 16.73 11.05 28.14
CA TYR C 290 17.18 10.02 29.06
C TYR C 290 17.10 8.62 28.47
N TRP C 291 16.80 8.51 27.19
CA TRP C 291 16.97 7.26 26.46
C TRP C 291 18.45 6.96 26.37
N ASP C 292 18.88 5.89 27.00
CA ASP C 292 20.30 5.68 27.31
C ASP C 292 21.08 4.96 26.22
N GLN C 293 20.45 4.35 25.23
CA GLN C 293 21.20 3.78 24.14
C GLN C 293 21.66 4.90 23.22
N THR C 294 22.89 4.80 22.73
CA THR C 294 23.44 5.81 21.84
C THR C 294 22.73 5.82 20.50
N TYR C 295 22.57 7.01 19.94
CA TYR C 295 21.82 7.23 18.72
C TYR C 295 22.73 7.85 17.69
N HIS C 296 22.84 7.22 16.53
CA HIS C 296 23.61 7.75 15.43
C HIS C 296 22.64 8.32 14.42
N PRO C 297 22.69 9.62 14.12
CA PRO C 297 21.78 10.16 13.12
C PRO C 297 22.04 9.65 11.73
N ASN C 298 23.28 9.40 11.38
CA ASN C 298 23.64 8.75 10.13
C ASN C 298 23.99 7.31 10.46
N CYS C 299 23.26 6.37 9.87
CA CYS C 299 23.36 4.97 10.24
C CYS C 299 24.59 4.29 9.67
N VAL C 300 25.45 5.01 8.94
CA VAL C 300 26.71 4.46 8.51
C VAL C 300 27.67 4.29 9.68
N ASN C 301 27.42 4.97 10.80
CA ASN C 301 28.23 4.87 11.99
C ASN C 301 27.68 3.85 12.98
N CYS C 302 26.79 2.97 12.53
CA CYS C 302 26.18 2.00 13.42
C CYS C 302 27.08 0.78 13.58
N LEU C 303 26.86 0.06 14.66
CA LEU C 303 27.76 -1.01 15.08
C LEU C 303 27.33 -2.40 14.64
N ASP C 304 26.04 -2.69 14.57
CA ASP C 304 25.55 -3.95 14.04
C ASP C 304 24.20 -3.68 13.41
N ASP C 305 23.45 -4.74 13.11
CA ASP C 305 22.18 -4.55 12.44
C ASP C 305 21.08 -4.12 13.40
N ARG C 306 21.18 -4.52 14.66
CA ARG C 306 20.26 -4.03 15.68
C ARG C 306 20.46 -2.55 15.95
N CYS C 307 21.69 -2.06 15.83
CA CYS C 307 21.91 -0.63 15.94
C CYS C 307 21.31 0.11 14.77
N ILE C 308 21.37 -0.47 13.57
CA ILE C 308 20.76 0.12 12.38
C ILE C 308 19.26 0.22 12.55
N LEU C 309 18.64 -0.85 13.07
CA LEU C 309 17.20 -0.83 13.31
C LEU C 309 16.82 0.19 14.36
N HIS C 310 17.57 0.22 15.47
CA HIS C 310 17.30 1.13 16.57
C HIS C 310 17.43 2.58 16.14
N CYS C 311 18.42 2.91 15.33
CA CYS C 311 18.66 4.30 14.97
C CYS C 311 17.84 4.75 13.78
N ALA C 312 17.52 3.83 12.86
CA ALA C 312 16.60 4.15 11.78
C ALA C 312 15.20 4.38 12.32
N ASN C 313 14.85 3.75 13.44
CA ASN C 313 13.55 4.00 14.03
C ASN C 313 13.43 5.41 14.60
N PHE C 314 14.52 6.03 15.03
CA PHE C 314 14.45 7.42 15.42
C PHE C 314 14.48 8.34 14.21
N ASN C 315 15.21 7.93 13.17
CA ASN C 315 15.30 8.74 11.97
C ASN C 315 13.98 8.84 11.23
N VAL C 316 13.14 7.81 11.25
CA VAL C 316 11.85 7.93 10.57
C VAL C 316 10.94 8.91 11.29
N LEU C 317 11.06 9.02 12.61
CA LEU C 317 10.29 10.03 13.34
C LEU C 317 10.83 11.43 13.06
N PHE C 318 12.15 11.59 13.07
CA PHE C 318 12.69 12.93 12.92
C PHE C 318 12.69 13.41 11.49
N SER C 319 12.53 12.52 10.52
CA SER C 319 12.50 12.93 9.12
C SER C 319 11.16 13.47 8.68
N THR C 320 10.15 13.44 9.55
CA THR C 320 8.87 14.06 9.25
C THR C 320 8.91 15.56 9.47
N VAL C 321 9.97 16.08 10.07
CA VAL C 321 10.13 17.49 10.39
C VAL C 321 10.81 18.25 9.24
N PHE C 322 11.52 17.58 8.39
CA PHE C 322 12.44 18.14 7.42
C PHE C 322 11.79 18.23 6.04
N PRO C 323 12.27 19.12 5.16
CA PRO C 323 11.60 19.31 3.88
C PRO C 323 11.82 18.13 2.95
N PRO C 324 10.78 17.74 2.21
CA PRO C 324 10.88 16.54 1.36
C PRO C 324 11.84 16.67 0.21
N THR C 325 12.24 17.88 -0.17
CA THR C 325 13.20 18.06 -1.23
C THR C 325 14.63 17.79 -0.79
N SER C 326 14.87 17.63 0.50
CA SER C 326 16.20 17.34 1.00
C SER C 326 16.56 15.87 0.93
N PHE C 327 15.62 15.00 0.66
CA PHE C 327 15.86 13.57 0.63
C PHE C 327 16.04 13.11 -0.81
N GLY C 328 16.80 12.05 -1.01
CA GLY C 328 17.04 11.54 -2.32
C GLY C 328 18.50 11.58 -2.71
N PRO C 329 18.79 11.38 -3.99
CA PRO C 329 20.18 11.35 -4.46
C PRO C 329 20.85 12.71 -4.32
N LEU C 330 21.99 12.71 -3.64
CA LEU C 330 22.81 13.90 -3.50
C LEU C 330 23.76 13.97 -4.68
N VAL C 331 23.93 15.15 -5.24
CA VAL C 331 24.36 15.29 -6.63
C VAL C 331 25.54 16.25 -6.71
N ARG C 332 26.51 15.90 -7.54
CA ARG C 332 27.71 16.68 -7.75
C ARG C 332 27.94 16.90 -9.24
N LYS C 333 28.72 17.94 -9.54
CA LYS C 333 29.17 18.23 -10.89
C LYS C 333 30.57 17.64 -11.08
N ILE C 334 30.73 16.87 -12.13
CA ILE C 334 31.90 16.04 -12.39
C ILE C 334 32.37 16.30 -13.80
N PHE C 335 33.68 16.47 -13.97
CA PHE C 335 34.25 16.71 -15.29
C PHE C 335 34.84 15.42 -15.80
N VAL C 336 34.16 14.79 -16.75
CA VAL C 336 34.66 13.62 -17.43
C VAL C 336 34.96 14.02 -18.87
N ASP C 337 36.20 13.72 -19.30
CA ASP C 337 36.72 14.05 -20.64
C ASP C 337 36.72 15.57 -20.86
N GLY C 338 37.05 16.31 -19.79
CA GLY C 338 36.98 17.76 -19.81
C GLY C 338 35.59 18.32 -19.93
N VAL C 339 34.58 17.49 -19.72
CA VAL C 339 33.20 17.77 -20.08
C VAL C 339 32.38 17.80 -18.80
N PRO C 340 31.54 18.82 -18.59
CA PRO C 340 30.72 18.85 -17.38
C PRO C 340 29.63 17.78 -17.39
N PHE C 341 29.28 17.32 -16.20
CA PHE C 341 28.54 16.10 -16.02
C PHE C 341 27.90 16.17 -14.64
N VAL C 342 26.80 15.47 -14.45
CA VAL C 342 26.07 15.52 -13.19
C VAL C 342 25.87 14.09 -12.71
N VAL C 343 26.41 13.76 -11.53
CA VAL C 343 26.29 12.41 -11.00
C VAL C 343 25.78 12.48 -9.57
N SER C 344 25.43 11.33 -9.02
CA SER C 344 25.04 11.23 -7.63
C SER C 344 26.19 10.65 -6.83
N THR C 345 26.61 11.37 -5.80
CA THR C 345 27.70 10.95 -4.94
C THR C 345 27.23 10.62 -3.53
N GLY C 346 25.94 10.40 -3.35
CA GLY C 346 25.44 10.05 -2.03
C GLY C 346 23.95 9.92 -2.07
N TYR C 347 23.37 9.89 -0.88
CA TYR C 347 21.94 9.76 -0.74
C TYR C 347 21.57 10.24 0.64
N HIS C 348 20.43 10.88 0.75
CA HIS C 348 19.90 11.28 2.05
C HIS C 348 18.64 10.46 2.24
N PHE C 349 18.73 9.44 3.07
CA PHE C 349 17.60 8.56 3.36
C PHE C 349 16.86 9.09 4.56
N ARG C 350 15.54 8.98 4.52
CA ARG C 350 14.73 9.30 5.69
C ARG C 350 15.02 8.38 6.86
N GLU C 351 15.39 7.15 6.57
CA GLU C 351 15.62 6.14 7.58
C GLU C 351 17.09 6.01 7.94
N LEU C 352 17.98 6.16 6.97
CA LEU C 352 19.39 5.87 7.20
C LEU C 352 20.26 7.11 7.27
N GLY C 353 19.70 8.31 7.17
CA GLY C 353 20.54 9.50 7.27
C GLY C 353 21.32 9.75 5.99
N VAL C 354 22.49 10.38 6.12
CA VAL C 354 23.26 10.83 4.97
C VAL C 354 24.37 9.83 4.67
N VAL C 355 24.37 9.27 3.46
CA VAL C 355 25.36 8.32 3.01
C VAL C 355 26.16 8.97 1.89
N HIS C 356 27.48 8.94 1.99
CA HIS C 356 28.37 9.47 0.97
C HIS C 356 29.08 8.33 0.27
N ASN C 357 29.13 8.39 -1.06
CA ASN C 357 29.87 7.42 -1.86
C ASN C 357 31.36 7.53 -1.59
N GLN C 358 32.03 6.39 -1.56
CA GLN C 358 33.46 6.38 -1.26
C GLN C 358 34.32 6.50 -2.50
N ASP C 359 33.95 5.82 -3.58
CA ASP C 359 34.77 5.84 -4.79
C ASP C 359 34.15 6.79 -5.81
N VAL C 360 34.36 8.08 -5.58
CA VAL C 360 33.93 9.13 -6.49
C VAL C 360 35.15 9.61 -7.27
N ASN C 361 34.97 9.81 -8.57
CA ASN C 361 36.04 10.30 -9.43
C ASN C 361 35.68 11.69 -9.95
N LEU C 362 36.34 12.71 -9.41
CA LEU C 362 36.05 14.08 -9.78
C LEU C 362 36.53 14.39 -11.19
N HIS C 363 37.58 13.70 -11.66
CA HIS C 363 38.11 13.88 -12.99
C HIS C 363 38.51 12.52 -13.58
N SER C 364 38.01 12.24 -14.79
CA SER C 364 38.43 11.07 -15.55
C SER C 364 38.45 11.44 -17.02
N SER C 365 39.32 10.80 -17.79
CA SER C 365 39.43 11.12 -19.21
C SER C 365 38.46 10.30 -20.05
N ARG C 366 38.15 9.08 -19.62
CA ARG C 366 37.29 8.23 -20.43
C ARG C 366 36.36 7.44 -19.51
N LEU C 367 35.35 6.83 -20.11
CA LEU C 367 34.32 6.08 -19.38
C LEU C 367 34.33 4.64 -19.85
N SER C 368 34.54 3.72 -18.93
CA SER C 368 34.48 2.29 -19.23
C SER C 368 33.02 1.86 -19.37
N PHE C 369 32.82 0.58 -19.65
CA PHE C 369 31.45 0.08 -19.79
C PHE C 369 30.74 -0.01 -18.45
N LYS C 370 31.48 -0.18 -17.36
CA LYS C 370 30.85 -0.26 -16.06
C LYS C 370 30.34 1.11 -15.62
N GLU C 371 31.17 2.13 -15.76
CA GLU C 371 30.77 3.45 -15.31
C GLU C 371 29.77 4.10 -16.26
N LEU C 372 29.73 3.70 -17.53
CA LEU C 372 28.62 4.08 -18.38
C LEU C 372 27.31 3.51 -17.87
N LEU C 373 27.34 2.26 -17.40
CA LEU C 373 26.14 1.63 -16.89
C LEU C 373 25.67 2.31 -15.60
N VAL C 374 26.62 2.65 -14.72
CA VAL C 374 26.29 3.33 -13.48
C VAL C 374 25.80 4.74 -13.75
N TYR C 375 26.37 5.43 -14.73
CA TYR C 375 25.92 6.79 -14.99
C TYR C 375 24.62 6.84 -15.77
N ALA C 376 24.32 5.81 -16.56
CA ALA C 376 23.03 5.77 -17.24
C ALA C 376 21.92 5.32 -16.31
N ALA C 377 22.21 4.49 -15.32
CA ALA C 377 21.19 4.10 -14.36
C ALA C 377 20.85 5.22 -13.39
N ASP C 378 21.73 6.18 -13.25
CA ASP C 378 21.60 7.26 -12.29
C ASP C 378 20.44 8.19 -12.67
N PRO C 379 19.51 8.48 -11.76
CA PRO C 379 18.44 9.43 -12.07
C PRO C 379 18.89 10.88 -12.15
N ALA C 380 20.16 11.17 -11.84
CA ALA C 380 20.64 12.55 -11.81
C ALA C 380 20.65 13.17 -13.21
N MET C 381 21.11 12.41 -14.20
CA MET C 381 21.22 12.97 -15.54
C MET C 381 19.84 13.10 -16.19
N HIS C 382 18.92 12.22 -15.84
CA HIS C 382 17.58 12.30 -16.41
C HIS C 382 16.77 13.40 -15.74
N ALA C 383 16.92 13.56 -14.43
CA ALA C 383 16.17 14.59 -13.73
C ALA C 383 16.73 15.97 -14.00
N ALA C 384 18.05 16.10 -14.09
CA ALA C 384 18.65 17.40 -14.32
C ALA C 384 18.44 17.88 -15.75
N SER C 385 18.19 16.97 -16.69
CA SER C 385 17.94 17.35 -18.07
C SER C 385 16.48 17.55 -18.38
N GLY C 386 15.58 17.24 -17.47
CA GLY C 386 14.17 17.32 -17.76
C GLY C 386 13.55 18.63 -17.33
N ASN C 387 12.29 18.77 -17.68
CA ASN C 387 11.48 19.91 -17.27
C ASN C 387 11.03 19.73 -15.82
N LEU C 388 10.53 20.81 -15.25
CA LEU C 388 9.91 20.72 -13.95
C LEU C 388 8.49 20.22 -14.11
N LEU C 389 8.04 19.40 -13.18
CA LEU C 389 6.71 18.80 -13.28
C LEU C 389 5.91 19.12 -12.03
N LEU C 390 4.67 19.51 -12.22
CA LEU C 390 3.70 19.70 -11.14
C LEU C 390 2.48 18.88 -11.52
N ASP C 391 2.37 17.69 -10.95
CA ASP C 391 1.30 16.76 -11.28
C ASP C 391 0.24 16.86 -10.18
N LYS C 392 -0.86 17.52 -10.49
CA LYS C 392 -1.95 17.66 -9.53
C LYS C 392 -2.84 16.43 -9.45
N ARG C 393 -2.62 15.43 -10.30
CA ARG C 393 -3.41 14.21 -10.24
C ARG C 393 -3.09 13.38 -9.01
N THR C 394 -1.84 13.41 -8.56
CA THR C 394 -1.42 12.55 -7.47
C THR C 394 -0.87 13.40 -6.33
N THR C 395 -0.85 12.80 -5.15
CA THR C 395 -0.31 13.44 -3.97
C THR C 395 1.18 13.22 -3.82
N CYS C 396 1.72 12.19 -4.49
CA CYS C 396 3.12 11.84 -4.38
C CYS C 396 4.01 12.91 -4.98
N PHE C 397 5.27 12.94 -4.52
CA PHE C 397 6.18 14.00 -4.90
C PHE C 397 6.66 13.80 -6.32
N SER C 398 6.67 14.88 -7.07
CA SER C 398 6.98 14.85 -8.49
C SER C 398 8.33 15.50 -8.72
N VAL C 399 9.18 14.85 -9.50
CA VAL C 399 10.54 15.35 -9.68
C VAL C 399 10.66 16.10 -10.99
N ALA C 400 10.45 15.41 -12.10
CA ALA C 400 10.71 16.01 -13.40
C ALA C 400 9.88 15.32 -14.46
N ALA C 401 9.66 16.03 -15.56
CA ALA C 401 9.11 15.44 -16.76
C ALA C 401 10.26 15.18 -17.72
N LEU C 402 10.46 13.92 -18.09
CA LEU C 402 11.60 13.58 -18.92
C LEU C 402 11.42 14.01 -20.36
N THR C 403 10.17 14.21 -20.79
CA THR C 403 9.85 14.63 -22.14
C THR C 403 8.89 15.81 -22.09
N ASN C 404 8.31 16.13 -23.24
CA ASN C 404 7.36 17.23 -23.33
C ASN C 404 5.91 16.78 -23.29
N ASN C 405 5.65 15.48 -23.31
CA ASN C 405 4.30 14.97 -23.30
C ASN C 405 4.08 14.08 -22.09
N VAL C 406 2.82 13.93 -21.73
CA VAL C 406 2.42 12.95 -20.73
C VAL C 406 1.86 11.75 -21.45
N ALA C 407 2.40 10.58 -21.18
CA ALA C 407 1.94 9.36 -21.81
C ALA C 407 0.71 8.83 -21.08
N PHE C 408 -0.32 8.51 -21.84
CA PHE C 408 -1.57 7.97 -21.33
C PHE C 408 -1.73 6.58 -21.93
N GLN C 409 -1.17 5.57 -21.27
CA GLN C 409 -1.35 4.21 -21.74
C GLN C 409 -2.62 3.61 -21.16
N THR C 410 -3.35 2.88 -21.98
CA THR C 410 -4.57 2.22 -21.62
C THR C 410 -4.32 0.72 -21.57
N VAL C 411 -5.35 -0.02 -21.19
CA VAL C 411 -5.36 -1.48 -21.31
C VAL C 411 -6.54 -1.86 -22.18
N LYS C 412 -6.28 -2.65 -23.21
CA LYS C 412 -7.33 -3.13 -24.10
C LYS C 412 -8.11 -4.28 -23.45
N PRO C 413 -9.31 -4.57 -23.93
CA PRO C 413 -10.05 -5.70 -23.37
C PRO C 413 -9.50 -7.03 -23.87
N GLY C 414 -10.10 -8.10 -23.36
CA GLY C 414 -9.67 -9.43 -23.74
C GLY C 414 -10.22 -9.85 -25.08
N ASN C 415 -9.64 -10.90 -25.62
CA ASN C 415 -10.07 -11.45 -26.89
C ASN C 415 -10.93 -12.66 -26.62
N PHE C 416 -12.09 -12.70 -27.26
CA PHE C 416 -13.10 -13.70 -26.98
C PHE C 416 -12.85 -14.91 -27.85
N ASN C 417 -12.69 -16.08 -27.21
CA ASN C 417 -12.59 -17.36 -27.92
C ASN C 417 -14.00 -17.90 -28.03
N LYS C 418 -14.64 -17.66 -29.17
CA LYS C 418 -16.05 -17.97 -29.33
C LYS C 418 -16.28 -19.46 -29.48
N ASP C 419 -15.32 -20.18 -30.06
CA ASP C 419 -15.45 -21.62 -30.31
C ASP C 419 -15.58 -22.40 -29.00
N PHE C 420 -14.76 -22.05 -28.01
CA PHE C 420 -14.85 -22.74 -26.73
C PHE C 420 -16.12 -22.35 -25.99
N TYR C 421 -16.60 -21.13 -26.19
CA TYR C 421 -17.81 -20.71 -25.47
C TYR C 421 -19.05 -21.39 -26.03
N ASP C 422 -19.16 -21.52 -27.36
CA ASP C 422 -20.32 -22.22 -27.84
C ASP C 422 -20.18 -23.74 -27.70
N PHE C 423 -18.96 -24.27 -27.64
CA PHE C 423 -18.78 -25.66 -27.23
C PHE C 423 -19.22 -25.87 -25.79
N ALA C 424 -18.97 -24.90 -24.92
CA ALA C 424 -19.35 -25.03 -23.53
C ALA C 424 -20.85 -24.87 -23.31
N VAL C 425 -21.52 -23.99 -24.07
CA VAL C 425 -22.97 -23.95 -23.97
C VAL C 425 -23.60 -25.11 -24.72
N SER C 426 -22.85 -25.77 -25.61
CA SER C 426 -23.31 -27.01 -26.21
C SER C 426 -23.37 -28.14 -25.21
N LYS C 427 -22.52 -28.10 -24.18
CA LYS C 427 -22.51 -29.13 -23.15
C LYS C 427 -23.45 -28.82 -22.00
N GLY C 428 -23.98 -27.62 -21.93
CA GLY C 428 -24.91 -27.25 -20.88
C GLY C 428 -24.40 -26.25 -19.88
N PHE C 429 -23.24 -25.65 -20.11
CA PHE C 429 -22.75 -24.66 -19.16
C PHE C 429 -23.48 -23.34 -19.34
N PHE C 430 -23.30 -22.47 -18.35
CA PHE C 430 -23.79 -21.09 -18.35
C PHE C 430 -25.31 -21.03 -18.48
N LYS C 431 -25.98 -21.58 -17.50
CA LYS C 431 -27.43 -21.47 -17.40
C LYS C 431 -27.78 -20.54 -16.24
N GLU C 432 -28.99 -20.00 -16.28
CA GLU C 432 -29.48 -19.14 -15.21
C GLU C 432 -29.65 -19.96 -13.94
N GLY C 433 -29.07 -19.47 -12.84
CA GLY C 433 -29.14 -20.18 -11.58
C GLY C 433 -28.14 -21.29 -11.41
N SER C 434 -27.23 -21.48 -12.38
CA SER C 434 -26.19 -22.48 -12.25
C SER C 434 -25.15 -22.04 -11.22
N SER C 435 -24.36 -23.01 -10.75
CA SER C 435 -23.37 -22.73 -9.73
C SER C 435 -22.09 -22.17 -10.31
N VAL C 436 -21.77 -22.49 -11.56
CA VAL C 436 -20.55 -22.02 -12.21
C VAL C 436 -20.92 -20.93 -13.18
N GLU C 437 -20.35 -19.74 -12.98
CA GLU C 437 -20.62 -18.62 -13.85
C GLU C 437 -19.32 -18.05 -14.38
N LEU C 438 -19.37 -16.88 -15.01
CA LEU C 438 -18.18 -16.17 -15.45
C LEU C 438 -17.98 -14.95 -14.57
N LYS C 439 -16.89 -14.94 -13.82
CA LYS C 439 -16.53 -13.80 -12.99
C LYS C 439 -15.13 -13.27 -13.26
N HIS C 440 -14.37 -13.89 -14.13
CA HIS C 440 -12.98 -13.54 -14.35
C HIS C 440 -12.82 -13.04 -15.77
N PHE C 441 -12.57 -11.74 -15.91
CA PHE C 441 -12.56 -11.08 -17.20
C PHE C 441 -11.31 -10.23 -17.32
N PHE C 442 -10.98 -9.87 -18.55
CA PHE C 442 -9.96 -8.86 -18.81
C PHE C 442 -10.65 -7.50 -18.78
N PHE C 443 -10.50 -6.77 -17.69
CA PHE C 443 -11.10 -5.45 -17.58
C PHE C 443 -10.22 -4.44 -18.31
N ALA C 444 -10.83 -3.65 -19.18
CA ALA C 444 -10.10 -2.62 -19.88
C ALA C 444 -9.92 -1.39 -19.01
N GLN C 445 -8.93 -0.58 -19.34
CA GLN C 445 -8.62 0.61 -18.59
C GLN C 445 -8.49 1.79 -19.53
N ASP C 446 -8.65 2.98 -18.99
CA ASP C 446 -8.50 4.20 -19.75
C ASP C 446 -7.15 4.83 -19.44
N GLY C 447 -6.89 5.99 -20.03
CA GLY C 447 -5.57 6.61 -19.97
C GLY C 447 -5.17 7.16 -18.62
N ASN C 448 -6.08 7.19 -17.65
CA ASN C 448 -5.81 7.71 -16.32
C ASN C 448 -5.59 6.61 -15.30
N ALA C 449 -5.22 5.41 -15.74
CA ALA C 449 -5.18 4.26 -14.85
C ALA C 449 -3.83 4.05 -14.19
N ALA C 450 -2.74 4.40 -14.88
CA ALA C 450 -1.41 4.20 -14.31
C ALA C 450 -1.14 5.18 -13.19
N ILE C 451 -1.53 6.45 -13.34
CA ILE C 451 -1.35 7.41 -12.27
C ILE C 451 -2.33 7.16 -11.13
N SER C 452 -3.53 6.67 -11.43
CA SER C 452 -4.46 6.34 -10.36
C SER C 452 -4.00 5.14 -9.56
N ASP C 453 -3.32 4.19 -10.18
CA ASP C 453 -2.70 3.13 -9.41
C ASP C 453 -1.42 3.56 -8.74
N TYR C 454 -0.74 4.57 -9.26
CA TYR C 454 0.43 5.07 -8.56
C TYR C 454 0.03 5.90 -7.33
N ASP C 455 -1.18 6.45 -7.35
CA ASP C 455 -1.67 7.22 -6.22
C ASP C 455 -2.04 6.35 -5.02
N TYR C 456 -1.98 5.03 -5.13
CA TYR C 456 -2.25 4.19 -3.98
C TYR C 456 -1.06 4.09 -3.04
N TYR C 457 0.04 4.76 -3.35
CA TYR C 457 1.16 4.87 -2.43
C TYR C 457 0.90 5.88 -1.33
N ARG C 458 -0.24 6.54 -1.34
CA ARG C 458 -0.67 7.40 -0.26
C ARG C 458 -1.06 6.63 0.99
N TYR C 459 -1.23 5.32 0.89
CA TYR C 459 -1.47 4.51 2.08
C TYR C 459 -0.20 4.23 2.84
N ASN C 460 0.95 4.55 2.28
CA ASN C 460 2.23 4.38 2.94
C ASN C 460 2.53 5.62 3.78
N LEU C 461 2.50 5.46 5.08
CA LEU C 461 2.73 6.52 6.01
C LEU C 461 4.03 6.30 6.78
N PRO C 462 4.73 7.36 7.17
CA PRO C 462 5.94 7.19 7.99
C PRO C 462 5.61 6.70 9.39
N THR C 463 6.05 5.50 9.71
CA THR C 463 5.61 4.76 10.88
C THR C 463 6.78 4.42 11.76
N MET C 464 6.72 4.82 13.03
CA MET C 464 7.68 4.43 14.04
C MET C 464 7.24 3.13 14.69
N CYS C 465 8.21 2.34 15.10
CA CYS C 465 7.97 1.05 15.71
C CYS C 465 8.30 1.07 17.20
N ASP C 466 7.66 0.18 17.94
CA ASP C 466 8.08 -0.18 19.29
C ASP C 466 9.40 -0.91 19.11
N ILE C 467 10.50 -0.23 19.39
CA ILE C 467 11.80 -0.73 18.99
C ILE C 467 12.26 -1.90 19.86
N ARG C 468 11.89 -1.95 21.13
CA ARG C 468 12.32 -3.07 21.95
C ARG C 468 11.54 -4.33 21.58
N GLN C 469 10.26 -4.16 21.29
CA GLN C 469 9.44 -5.25 20.76
C GLN C 469 9.95 -5.72 19.41
N LEU C 470 10.32 -4.79 18.53
CA LEU C 470 10.84 -5.14 17.22
C LEU C 470 12.19 -5.83 17.30
N LEU C 471 13.04 -5.41 18.22
CA LEU C 471 14.35 -6.02 18.35
C LEU C 471 14.28 -7.40 18.97
N PHE C 472 13.23 -7.70 19.73
CA PHE C 472 13.03 -9.11 20.10
C PHE C 472 12.46 -9.92 18.94
N VAL C 473 11.47 -9.36 18.24
CA VAL C 473 10.78 -10.06 17.17
C VAL C 473 11.74 -10.39 16.03
N VAL C 474 12.77 -9.57 15.83
CA VAL C 474 13.72 -9.87 14.75
C VAL C 474 14.59 -11.07 15.09
N GLU C 475 14.84 -11.36 16.36
CA GLU C 475 15.58 -12.56 16.72
C GLU C 475 14.71 -13.80 16.60
N VAL C 476 13.44 -13.69 16.99
CA VAL C 476 12.52 -14.81 16.81
C VAL C 476 12.29 -15.09 15.32
N VAL C 477 12.21 -14.04 14.49
CA VAL C 477 12.00 -14.23 13.06
C VAL C 477 13.25 -14.76 12.39
N ASP C 478 14.42 -14.37 12.86
CA ASP C 478 15.67 -14.92 12.36
C ASP C 478 15.84 -16.39 12.73
N LYS C 479 15.21 -16.85 13.82
CA LYS C 479 15.18 -18.28 14.12
C LYS C 479 14.46 -19.08 13.04
N TYR C 480 13.48 -18.49 12.37
CA TYR C 480 12.74 -19.18 11.31
C TYR C 480 13.54 -19.32 10.03
N PHE C 481 14.72 -18.72 9.95
CA PHE C 481 15.56 -18.77 8.77
C PHE C 481 16.92 -19.36 9.05
N ASP C 482 17.04 -20.23 10.07
CA ASP C 482 18.36 -20.73 10.44
C ASP C 482 18.79 -21.90 9.57
N CYS C 483 17.84 -22.55 8.90
CA CYS C 483 18.19 -23.75 8.15
C CYS C 483 18.87 -23.43 6.83
N TYR C 484 18.68 -22.24 6.31
CA TYR C 484 19.11 -21.96 4.95
C TYR C 484 20.57 -21.54 4.92
N ASP C 485 21.13 -21.51 3.72
CA ASP C 485 22.53 -21.22 3.49
C ASP C 485 22.63 -20.07 2.48
N GLY C 486 23.39 -19.04 2.82
CA GLY C 486 23.45 -17.85 2.01
C GLY C 486 24.86 -17.32 1.92
N GLY C 487 25.00 -16.19 1.24
CA GLY C 487 26.32 -15.62 1.07
C GLY C 487 26.51 -15.16 -0.35
N CYS C 488 27.62 -14.49 -0.58
CA CYS C 488 27.89 -13.93 -1.88
C CYS C 488 28.43 -14.98 -2.83
N ILE C 489 28.04 -14.88 -4.09
CA ILE C 489 28.53 -15.77 -5.13
C ILE C 489 29.20 -14.91 -6.18
N ASN C 490 29.92 -15.56 -7.09
CA ASN C 490 30.54 -14.85 -8.18
C ASN C 490 29.54 -14.70 -9.32
N ALA C 491 29.94 -13.98 -10.36
CA ALA C 491 29.03 -13.72 -11.46
C ALA C 491 28.84 -14.91 -12.38
N ASN C 492 29.72 -15.91 -12.33
CA ASN C 492 29.53 -17.12 -13.10
C ASN C 492 28.74 -18.17 -12.37
N GLN C 493 28.32 -17.90 -11.13
CA GLN C 493 27.45 -18.80 -10.41
C GLN C 493 26.00 -18.34 -10.40
N VAL C 494 25.70 -17.18 -10.95
CA VAL C 494 24.32 -16.72 -10.97
C VAL C 494 23.58 -17.48 -12.04
N ILE C 495 22.28 -17.64 -11.84
CA ILE C 495 21.38 -18.30 -12.76
C ILE C 495 20.25 -17.34 -13.02
N VAL C 496 20.21 -16.77 -14.21
CA VAL C 496 19.11 -15.92 -14.64
C VAL C 496 18.24 -16.72 -15.59
N ASN C 497 16.96 -16.86 -15.22
CA ASN C 497 16.08 -17.79 -15.92
C ASN C 497 15.62 -17.22 -17.27
N ASN C 498 14.89 -16.11 -17.24
CA ASN C 498 14.35 -15.50 -18.45
C ASN C 498 15.23 -14.32 -18.82
N LEU C 499 16.15 -14.54 -19.74
CA LEU C 499 17.04 -13.48 -20.19
C LEU C 499 16.39 -12.55 -21.20
N ASP C 500 15.25 -12.92 -21.76
CA ASP C 500 14.57 -12.06 -22.72
C ASP C 500 13.43 -11.31 -22.05
N LYS C 501 13.77 -10.62 -20.98
CA LYS C 501 12.85 -9.75 -20.28
C LYS C 501 13.41 -8.33 -20.30
N SER C 502 12.58 -7.40 -19.88
CA SER C 502 12.95 -5.98 -19.93
C SER C 502 14.07 -5.66 -18.95
N ALA C 503 14.91 -4.70 -19.35
CA ALA C 503 16.05 -4.28 -18.56
C ALA C 503 15.80 -3.02 -17.76
N GLY C 504 14.58 -2.50 -17.76
CA GLY C 504 14.27 -1.29 -17.05
C GLY C 504 14.71 -0.04 -17.80
N PHE C 505 14.43 1.08 -17.21
CA PHE C 505 14.75 2.38 -17.77
C PHE C 505 16.12 2.84 -17.30
N PRO C 506 16.99 3.36 -18.18
CA PRO C 506 16.84 3.63 -19.60
C PRO C 506 17.41 2.53 -20.46
N PHE C 507 17.59 1.35 -19.88
CA PHE C 507 18.26 0.30 -20.62
C PHE C 507 17.33 -0.44 -21.57
N ASN C 508 16.03 -0.24 -21.45
CA ASN C 508 15.11 -0.90 -22.35
C ASN C 508 14.98 -0.18 -23.69
N LYS C 509 15.67 0.93 -23.89
CA LYS C 509 15.73 1.55 -25.19
C LYS C 509 16.66 0.81 -26.14
N TRP C 510 17.56 0.00 -25.61
CA TRP C 510 18.63 -0.59 -26.40
C TRP C 510 18.66 -2.10 -26.42
N GLY C 511 17.99 -2.76 -25.48
CA GLY C 511 17.97 -4.21 -25.51
C GLY C 511 17.18 -4.75 -24.34
N LYS C 512 17.09 -6.07 -24.30
CA LYS C 512 16.53 -6.80 -23.19
C LYS C 512 17.66 -7.11 -22.22
N ALA C 513 17.40 -7.95 -21.20
CA ALA C 513 18.45 -8.28 -20.25
C ALA C 513 19.51 -9.20 -20.84
N ARG C 514 19.20 -9.85 -21.95
CA ARG C 514 20.17 -10.66 -22.67
C ARG C 514 21.36 -9.84 -23.15
N LEU C 515 21.09 -8.60 -23.58
CA LEU C 515 22.14 -7.74 -24.10
C LEU C 515 23.14 -7.36 -23.02
N TYR C 516 22.65 -7.02 -21.83
CA TYR C 516 23.55 -6.58 -20.78
C TYR C 516 24.18 -7.74 -20.04
N TYR C 517 23.57 -8.92 -20.06
CA TYR C 517 24.26 -10.08 -19.54
C TYR C 517 25.25 -10.68 -20.53
N ASP C 518 25.14 -10.37 -21.82
CA ASP C 518 26.14 -10.80 -22.80
C ASP C 518 27.24 -9.77 -23.02
N SER C 519 26.94 -8.49 -22.86
CA SER C 519 27.91 -7.45 -23.18
C SER C 519 28.90 -7.24 -22.06
N MET C 520 28.51 -7.51 -20.83
CA MET C 520 29.43 -7.43 -19.70
C MET C 520 30.18 -8.75 -19.55
N SER C 521 31.43 -8.64 -19.12
CA SER C 521 32.19 -9.81 -18.73
C SER C 521 31.70 -10.31 -17.38
N TYR C 522 32.18 -11.48 -16.98
CA TYR C 522 31.98 -11.87 -15.59
C TYR C 522 32.79 -10.99 -14.67
N GLU C 523 33.92 -10.49 -15.14
CA GLU C 523 34.77 -9.65 -14.30
C GLU C 523 34.22 -8.23 -14.19
N ASP C 524 33.53 -7.75 -15.22
CA ASP C 524 32.84 -6.48 -15.11
C ASP C 524 31.63 -6.58 -14.19
N GLN C 525 30.93 -7.70 -14.21
CA GLN C 525 29.81 -7.92 -13.30
C GLN C 525 30.30 -8.02 -11.86
N ASP C 526 31.42 -8.68 -11.65
CA ASP C 526 32.02 -8.74 -10.31
C ASP C 526 32.52 -7.38 -9.85
N ALA C 527 33.03 -6.57 -10.77
CA ALA C 527 33.49 -5.24 -10.42
C ALA C 527 32.33 -4.31 -10.10
N LEU C 528 31.22 -4.46 -10.80
CA LEU C 528 30.01 -3.69 -10.48
C LEU C 528 29.45 -4.11 -9.12
N PHE C 529 29.49 -5.40 -8.83
CA PHE C 529 29.05 -5.87 -7.52
C PHE C 529 29.97 -5.39 -6.42
N ALA C 530 31.26 -5.30 -6.70
CA ALA C 530 32.20 -4.77 -5.71
C ALA C 530 32.03 -3.27 -5.57
N TYR C 531 31.55 -2.60 -6.62
CA TYR C 531 31.27 -1.19 -6.56
C TYR C 531 30.09 -0.90 -5.64
N THR C 532 29.05 -1.75 -5.68
CA THR C 532 27.89 -1.50 -4.84
C THR C 532 28.12 -1.80 -3.38
N LYS C 533 29.21 -2.43 -3.01
CA LYS C 533 29.54 -2.63 -1.60
C LYS C 533 30.27 -1.44 -1.02
N ARG C 534 30.51 -0.40 -1.81
CA ARG C 534 31.17 0.80 -1.34
C ARG C 534 30.46 2.07 -1.74
N ASN C 535 29.56 2.03 -2.71
CA ASN C 535 28.87 3.22 -3.19
C ASN C 535 27.41 2.90 -3.35
N VAL C 536 26.58 3.94 -3.38
CA VAL C 536 25.15 3.79 -3.56
C VAL C 536 24.81 4.20 -4.99
N ILE C 537 24.17 3.30 -5.73
CA ILE C 537 23.65 3.61 -7.06
C ILE C 537 22.13 3.75 -6.95
N PRO C 538 21.58 4.96 -7.02
CA PRO C 538 20.14 5.07 -7.17
C PRO C 538 19.73 4.71 -8.59
N THR C 539 18.58 4.04 -8.73
CA THR C 539 18.10 3.63 -10.03
C THR C 539 16.67 4.13 -10.22
N ILE C 540 16.11 3.79 -11.38
CA ILE C 540 14.77 4.20 -11.78
C ILE C 540 13.94 2.95 -12.00
N THR C 541 12.79 2.88 -11.34
CA THR C 541 11.85 1.79 -11.52
C THR C 541 10.76 2.24 -12.48
N GLN C 542 10.49 1.44 -13.50
CA GLN C 542 9.46 1.78 -14.46
C GLN C 542 8.16 1.08 -14.10
N MET C 543 7.05 1.80 -14.18
CA MET C 543 5.75 1.21 -13.90
C MET C 543 5.05 0.90 -15.20
N ASN C 544 4.50 -0.30 -15.28
CA ASN C 544 3.79 -0.76 -16.46
C ASN C 544 2.43 -1.26 -16.02
N LEU C 545 1.46 -1.22 -16.91
CA LEU C 545 0.16 -1.77 -16.59
C LEU C 545 0.11 -3.23 -17.03
N LYS C 546 -0.47 -4.07 -16.19
CA LYS C 546 -0.53 -5.49 -16.47
C LYS C 546 -1.80 -5.82 -17.24
N TYR C 547 -1.65 -6.61 -18.29
CA TYR C 547 -2.75 -7.12 -19.12
C TYR C 547 -3.01 -8.55 -18.67
N ALA C 548 -3.89 -8.71 -17.69
CA ALA C 548 -4.16 -10.01 -17.10
C ALA C 548 -5.64 -10.15 -16.83
N ILE C 549 -6.04 -11.35 -16.44
CA ILE C 549 -7.44 -11.66 -16.17
C ILE C 549 -7.67 -11.64 -14.67
N SER C 550 -8.77 -11.02 -14.25
CA SER C 550 -9.04 -10.88 -12.83
C SER C 550 -10.54 -10.74 -12.60
N ALA C 551 -10.92 -10.73 -11.32
CA ALA C 551 -12.31 -10.64 -10.92
C ALA C 551 -12.74 -9.21 -10.58
N LYS C 552 -11.81 -8.31 -10.35
CA LYS C 552 -12.11 -6.94 -9.96
C LYS C 552 -11.52 -5.98 -10.99
N ASN C 553 -12.16 -4.82 -11.14
CA ASN C 553 -11.78 -3.92 -12.22
C ASN C 553 -10.62 -3.02 -11.88
N ARG C 554 -9.96 -3.25 -10.75
CA ARG C 554 -8.77 -2.50 -10.37
C ARG C 554 -7.61 -2.81 -11.32
N ALA C 555 -6.97 -1.76 -11.81
CA ALA C 555 -5.82 -1.92 -12.70
C ALA C 555 -4.59 -2.31 -11.91
N ARG C 556 -3.86 -3.31 -12.38
CA ARG C 556 -2.63 -3.76 -11.75
C ARG C 556 -1.45 -3.11 -12.45
N THR C 557 -0.45 -2.73 -11.66
CA THR C 557 0.81 -2.24 -12.20
C THR C 557 1.94 -3.12 -11.73
N VAL C 558 2.89 -3.36 -12.62
CA VAL C 558 4.13 -4.02 -12.29
C VAL C 558 5.23 -2.99 -12.28
N ALA C 559 6.28 -3.27 -11.53
CA ALA C 559 7.35 -2.32 -11.29
C ALA C 559 8.66 -2.94 -11.73
N GLY C 560 9.02 -2.75 -12.99
CA GLY C 560 10.27 -3.28 -13.50
C GLY C 560 11.46 -2.50 -12.96
N VAL C 561 12.38 -3.19 -12.36
CA VAL C 561 13.61 -2.61 -11.80
C VAL C 561 14.71 -2.71 -12.85
N SER C 562 15.60 -1.72 -12.87
CA SER C 562 16.64 -1.66 -13.88
C SER C 562 17.67 -2.75 -13.69
N ILE C 563 18.41 -3.04 -14.76
CA ILE C 563 19.31 -4.18 -14.79
C ILE C 563 20.52 -3.97 -13.89
N CYS C 564 20.88 -2.73 -13.60
CA CYS C 564 22.02 -2.43 -12.75
C CYS C 564 21.74 -2.84 -11.30
N SER C 565 20.48 -2.81 -10.89
CA SER C 565 20.08 -3.25 -9.57
C SER C 565 19.85 -4.76 -9.51
N THR C 566 19.20 -5.31 -10.53
CA THR C 566 18.87 -6.72 -10.54
C THR C 566 20.10 -7.59 -10.64
N MET C 567 21.08 -7.14 -11.43
CA MET C 567 22.30 -7.89 -11.66
C MET C 567 23.12 -8.03 -10.37
N THR C 568 23.20 -6.98 -9.58
CA THR C 568 23.92 -7.07 -8.31
C THR C 568 23.09 -7.70 -7.21
N ASN C 569 21.77 -7.57 -7.24
CA ASN C 569 20.96 -8.18 -6.20
C ASN C 569 20.86 -9.69 -6.37
N ARG C 570 20.93 -10.19 -7.60
CA ARG C 570 21.03 -11.63 -7.80
C ARG C 570 22.31 -12.17 -7.21
N GLN C 571 23.41 -11.45 -7.40
CA GLN C 571 24.70 -11.87 -6.88
C GLN C 571 24.72 -11.82 -5.36
N PHE C 572 24.01 -10.88 -4.75
CA PHE C 572 23.97 -10.81 -3.30
C PHE C 572 23.06 -11.86 -2.69
N HIS C 573 21.89 -12.10 -3.28
CA HIS C 573 20.86 -12.86 -2.59
C HIS C 573 20.60 -14.26 -3.13
N GLN C 574 21.15 -14.63 -4.29
CA GLN C 574 20.63 -15.80 -4.99
C GLN C 574 20.96 -17.11 -4.29
N LYS C 575 22.09 -17.19 -3.59
CA LYS C 575 22.40 -18.40 -2.83
C LYS C 575 21.35 -18.69 -1.76
N LEU C 576 20.97 -17.66 -1.01
CA LEU C 576 19.97 -17.83 0.04
C LEU C 576 18.59 -18.08 -0.55
N LEU C 577 18.26 -17.43 -1.67
CA LEU C 577 16.93 -17.61 -2.23
C LEU C 577 16.77 -18.98 -2.88
N LYS C 578 17.84 -19.50 -3.48
CA LYS C 578 17.79 -20.87 -3.97
C LYS C 578 17.78 -21.86 -2.82
N SER C 579 18.39 -21.51 -1.68
CA SER C 579 18.31 -22.40 -0.54
C SER C 579 16.93 -22.41 0.10
N ILE C 580 16.23 -21.28 0.06
CA ILE C 580 14.86 -21.23 0.58
C ILE C 580 13.95 -22.01 -0.33
N ALA C 581 14.07 -21.81 -1.63
CA ALA C 581 13.17 -22.43 -2.58
C ALA C 581 13.43 -23.92 -2.80
N ALA C 582 14.45 -24.50 -2.18
CA ALA C 582 14.75 -25.91 -2.34
C ALA C 582 14.60 -26.69 -1.05
N THR C 583 13.87 -26.16 -0.08
CA THR C 583 13.72 -26.78 1.22
C THR C 583 12.28 -27.21 1.43
N ARG C 584 12.09 -28.47 1.81
CA ARG C 584 10.77 -29.01 2.10
C ARG C 584 10.61 -29.22 3.59
N GLY C 585 9.38 -29.08 4.05
CA GLY C 585 9.07 -29.25 5.46
C GLY C 585 9.28 -28.01 6.31
N ALA C 586 9.50 -26.87 5.70
CA ALA C 586 9.81 -25.64 6.41
C ALA C 586 8.58 -24.74 6.48
N THR C 587 8.72 -23.61 7.17
CA THR C 587 7.60 -22.69 7.34
C THR C 587 7.35 -21.92 6.05
N VAL C 588 8.40 -21.37 5.45
CA VAL C 588 8.30 -20.69 4.17
C VAL C 588 8.29 -21.76 3.08
N VAL C 589 7.17 -21.89 2.37
CA VAL C 589 6.98 -22.99 1.43
C VAL C 589 7.07 -22.49 -0.01
N ILE C 590 7.86 -21.43 -0.22
CA ILE C 590 8.23 -21.04 -1.57
C ILE C 590 9.08 -22.14 -2.19
N GLY C 591 8.71 -22.55 -3.40
CA GLY C 591 9.43 -23.58 -4.11
C GLY C 591 8.81 -24.95 -4.02
N THR C 592 7.91 -25.16 -3.06
CA THR C 592 7.24 -26.44 -2.92
C THR C 592 6.11 -26.52 -3.93
N SER C 593 6.12 -27.56 -4.75
CA SER C 593 5.08 -27.74 -5.74
C SER C 593 3.83 -28.29 -5.08
N LYS C 594 2.69 -28.00 -5.69
CA LYS C 594 1.44 -28.56 -5.22
C LYS C 594 1.14 -29.90 -5.87
N PHE C 595 1.92 -30.30 -6.86
CA PHE C 595 1.73 -31.53 -7.58
C PHE C 595 2.47 -32.68 -6.91
N TYR C 596 2.11 -33.89 -7.32
CA TYR C 596 2.75 -35.15 -6.92
C TYR C 596 2.72 -35.35 -5.41
N GLY C 597 1.61 -34.98 -4.80
CA GLY C 597 1.47 -35.09 -3.36
C GLY C 597 2.10 -33.97 -2.57
N GLY C 598 2.46 -32.86 -3.21
CA GLY C 598 3.12 -31.78 -2.50
C GLY C 598 2.17 -30.98 -1.63
N TRP C 599 0.94 -30.77 -2.10
CA TRP C 599 -0.08 -30.10 -1.30
C TRP C 599 -0.41 -30.88 -0.04
N HIS C 600 -0.46 -32.20 -0.16
CA HIS C 600 -0.74 -33.05 0.99
C HIS C 600 0.37 -32.98 2.02
N ASN C 601 1.62 -32.96 1.57
CA ASN C 601 2.74 -32.88 2.49
C ASN C 601 2.85 -31.51 3.14
N MET C 602 2.51 -30.45 2.41
CA MET C 602 2.50 -29.12 3.01
C MET C 602 1.45 -29.02 4.11
N LEU C 603 0.27 -29.57 3.86
CA LEU C 603 -0.78 -29.52 4.87
C LEU C 603 -0.48 -30.44 6.04
N LYS C 604 0.23 -31.53 5.82
CA LYS C 604 0.56 -32.40 6.94
C LYS C 604 1.73 -31.85 7.73
N THR C 605 2.55 -31.00 7.12
CA THR C 605 3.59 -30.32 7.85
C THR C 605 3.02 -29.19 8.70
N VAL C 606 2.00 -28.48 8.21
CA VAL C 606 1.47 -27.38 8.99
C VAL C 606 0.58 -27.88 10.12
N TYR C 607 0.06 -29.10 10.01
CA TYR C 607 -0.86 -29.59 11.04
C TYR C 607 -0.12 -30.18 12.23
N SER C 608 1.21 -30.07 12.26
CA SER C 608 2.20 -31.08 12.69
C SER C 608 1.80 -31.79 13.99
N ASP C 609 1.79 -31.11 15.12
CA ASP C 609 1.44 -31.74 16.39
C ASP C 609 0.73 -30.75 17.29
N VAL C 610 -0.06 -29.87 16.69
CA VAL C 610 -0.82 -28.90 17.45
C VAL C 610 -1.95 -29.61 18.17
N GLU C 611 -2.22 -29.19 19.41
CA GLU C 611 -2.97 -30.03 20.33
C GLU C 611 -4.46 -29.98 20.08
N ASN C 612 -5.06 -28.79 20.08
CA ASN C 612 -6.49 -28.62 19.84
C ASN C 612 -6.63 -27.81 18.57
N PRO C 613 -6.37 -28.41 17.42
CA PRO C 613 -6.02 -27.60 16.25
C PRO C 613 -7.19 -26.92 15.58
N HIS C 614 -7.00 -25.65 15.27
CA HIS C 614 -7.88 -24.88 14.41
C HIS C 614 -7.03 -24.26 13.32
N LEU C 615 -7.62 -24.00 12.18
CA LEU C 615 -6.90 -23.31 11.12
C LEU C 615 -7.34 -21.86 11.07
N MET C 616 -6.42 -21.01 10.66
CA MET C 616 -6.65 -19.58 10.58
C MET C 616 -5.91 -19.06 9.37
N GLY C 617 -6.48 -18.06 8.73
CA GLY C 617 -5.81 -17.45 7.62
C GLY C 617 -6.31 -16.03 7.52
N TRP C 618 -5.43 -15.09 7.24
CA TRP C 618 -5.82 -13.70 7.30
C TRP C 618 -5.52 -13.02 5.97
N ASP C 619 -5.64 -11.71 5.98
CA ASP C 619 -5.44 -10.88 4.81
C ASP C 619 -4.50 -9.73 5.15
N TYR C 620 -3.74 -9.30 4.16
CA TYR C 620 -3.03 -8.04 4.26
C TYR C 620 -3.67 -7.08 3.28
N PRO C 621 -4.44 -6.10 3.73
CA PRO C 621 -4.95 -5.09 2.81
C PRO C 621 -3.83 -4.18 2.34
N LYS C 622 -3.70 -4.06 1.00
CA LYS C 622 -2.74 -3.19 0.32
C LYS C 622 -1.31 -3.48 0.76
N CYS C 623 -0.88 -4.73 0.61
CA CYS C 623 0.37 -5.15 1.23
C CYS C 623 1.57 -4.53 0.53
N ASP C 624 1.51 -4.45 -0.78
CA ASP C 624 2.65 -3.83 -1.51
C ASP C 624 2.75 -2.33 -1.21
N ARG C 625 1.61 -1.66 -1.02
CA ARG C 625 1.59 -0.21 -0.86
C ARG C 625 1.83 0.20 0.58
N ALA C 626 1.17 -0.43 1.52
CA ALA C 626 1.11 0.06 2.88
C ALA C 626 2.17 -0.52 3.80
N MET C 627 3.14 -1.23 3.26
CA MET C 627 4.17 -1.82 4.10
C MET C 627 5.13 -0.75 4.59
N PRO C 628 5.38 -0.64 5.89
CA PRO C 628 6.25 0.41 6.39
C PRO C 628 7.70 0.19 6.01
N ASN C 629 8.47 1.27 6.07
CA ASN C 629 9.86 1.20 5.66
C ASN C 629 10.72 0.48 6.68
N MET C 630 10.35 0.54 7.95
CA MET C 630 11.12 -0.15 8.98
C MET C 630 11.01 -1.66 8.87
N LEU C 631 9.85 -2.16 8.47
CA LEU C 631 9.72 -3.61 8.28
C LEU C 631 10.41 -4.08 7.02
N ARG C 632 10.50 -3.24 6.00
CA ARG C 632 11.22 -3.61 4.79
C ARG C 632 12.72 -3.62 5.04
N ILE C 633 13.22 -2.65 5.80
CA ILE C 633 14.62 -2.63 6.20
C ILE C 633 14.93 -3.82 7.12
N MET C 634 13.99 -4.15 8.00
CA MET C 634 14.11 -5.32 8.87
C MET C 634 14.19 -6.61 8.06
N ALA C 635 13.40 -6.71 6.99
CA ALA C 635 13.41 -7.92 6.17
C ALA C 635 14.70 -8.07 5.40
N SER C 636 15.24 -6.96 4.88
CA SER C 636 16.52 -7.06 4.18
C SER C 636 17.67 -7.32 5.14
N LEU C 637 17.59 -6.86 6.39
CA LEU C 637 18.60 -7.20 7.37
C LEU C 637 18.54 -8.67 7.75
N VAL C 638 17.33 -9.22 7.84
CA VAL C 638 17.16 -10.64 8.13
C VAL C 638 17.72 -11.50 7.01
N LEU C 639 17.50 -11.07 5.76
CA LEU C 639 18.09 -11.79 4.62
C LEU C 639 19.60 -11.68 4.60
N ALA C 640 20.14 -10.49 4.89
CA ALA C 640 21.59 -10.30 4.85
C ALA C 640 22.31 -10.80 6.08
N ARG C 641 21.62 -11.35 7.08
CA ARG C 641 22.30 -12.02 8.19
C ARG C 641 23.02 -13.30 7.80
N LYS C 642 22.92 -13.77 6.56
CA LYS C 642 23.70 -14.88 6.05
C LYS C 642 25.06 -14.46 5.53
N HIS C 643 25.34 -13.17 5.44
CA HIS C 643 26.58 -12.67 4.85
C HIS C 643 27.60 -12.34 5.91
N THR C 644 27.67 -13.11 6.98
CA THR C 644 28.55 -12.76 8.09
C THR C 644 30.01 -13.10 7.83
N THR C 645 30.33 -13.92 6.83
CA THR C 645 31.72 -14.24 6.56
C THR C 645 32.25 -13.57 5.31
N CYS C 646 31.46 -13.51 4.23
CA CYS C 646 31.94 -12.93 2.99
C CYS C 646 31.99 -11.41 3.03
N CYS C 647 31.09 -10.79 3.79
CA CYS C 647 30.91 -9.36 3.77
C CYS C 647 31.37 -8.76 5.09
N SER C 648 31.92 -7.56 5.01
CA SER C 648 32.27 -6.81 6.20
C SER C 648 31.04 -6.10 6.74
N LEU C 649 31.23 -5.26 7.74
CA LEU C 649 30.12 -4.50 8.27
C LEU C 649 29.77 -3.33 7.36
N SER C 650 30.80 -2.66 6.82
CA SER C 650 30.59 -1.53 5.93
C SER C 650 30.03 -1.97 4.59
N HIS C 651 30.46 -3.13 4.10
CA HIS C 651 29.90 -3.67 2.87
C HIS C 651 28.44 -4.03 3.03
N ARG C 652 28.08 -4.58 4.19
CA ARG C 652 26.70 -4.93 4.43
C ARG C 652 25.83 -3.69 4.58
N PHE C 653 26.38 -2.62 5.15
CA PHE C 653 25.63 -1.37 5.17
C PHE C 653 25.42 -0.81 3.78
N TYR C 654 26.43 -0.84 2.93
CA TYR C 654 26.25 -0.27 1.60
C TYR C 654 25.33 -1.11 0.73
N ARG C 655 25.25 -2.41 1.00
CA ARG C 655 24.26 -3.22 0.30
C ARG C 655 22.85 -2.93 0.79
N LEU C 656 22.68 -2.68 2.09
CA LEU C 656 21.37 -2.27 2.60
C LEU C 656 20.95 -0.92 2.04
N ALA C 657 21.88 0.02 1.97
CA ALA C 657 21.59 1.34 1.41
C ALA C 657 21.29 1.26 -0.07
N ASN C 658 21.89 0.32 -0.78
CA ASN C 658 21.53 0.15 -2.18
C ASN C 658 20.16 -0.47 -2.35
N GLU C 659 19.76 -1.37 -1.46
CA GLU C 659 18.40 -1.89 -1.52
C GLU C 659 17.38 -0.80 -1.20
N CYS C 660 17.69 0.08 -0.26
CA CYS C 660 16.74 1.15 0.07
C CYS C 660 16.72 2.24 -0.99
N ALA C 661 17.83 2.49 -1.68
CA ALA C 661 17.85 3.47 -2.74
C ALA C 661 17.43 2.91 -4.07
N GLN C 662 17.23 1.60 -4.18
CA GLN C 662 16.85 1.01 -5.45
C GLN C 662 15.42 0.51 -5.51
N VAL C 663 14.88 -0.09 -4.46
CA VAL C 663 13.54 -0.65 -4.51
C VAL C 663 12.66 -0.22 -3.36
N LEU C 664 13.15 0.57 -2.41
CA LEU C 664 12.29 1.03 -1.33
C LEU C 664 11.83 2.47 -1.52
N SER C 665 12.74 3.39 -1.77
CA SER C 665 12.39 4.78 -1.99
C SER C 665 13.04 5.30 -3.26
N GLU C 666 12.91 4.55 -4.33
CA GLU C 666 13.53 4.93 -5.59
C GLU C 666 12.73 6.02 -6.29
N MET C 667 13.27 6.49 -7.40
CA MET C 667 12.53 7.32 -8.33
C MET C 667 11.85 6.42 -9.33
N VAL C 668 10.63 6.79 -9.69
CA VAL C 668 9.73 5.91 -10.41
C VAL C 668 9.30 6.62 -11.67
N MET C 669 9.58 6.03 -12.82
CA MET C 669 9.10 6.56 -14.09
C MET C 669 7.71 6.02 -14.35
N CYS C 670 6.74 6.90 -14.54
CA CYS C 670 5.35 6.49 -14.73
C CYS C 670 4.76 7.37 -15.82
N GLY C 671 4.92 6.96 -17.07
CA GLY C 671 4.43 7.73 -18.18
C GLY C 671 5.34 8.84 -18.64
N GLY C 672 6.64 8.59 -18.64
CA GLY C 672 7.59 9.62 -19.02
C GLY C 672 7.76 10.70 -17.99
N SER C 673 7.72 10.37 -16.71
CA SER C 673 7.81 11.35 -15.65
C SER C 673 8.33 10.70 -14.40
N LEU C 674 9.27 11.34 -13.73
CA LEU C 674 9.84 10.82 -12.51
C LEU C 674 9.04 11.28 -11.30
N TYR C 675 8.69 10.34 -10.43
CA TYR C 675 8.03 10.60 -9.16
C TYR C 675 8.87 9.98 -8.07
N VAL C 676 8.62 10.34 -6.83
CA VAL C 676 9.32 9.76 -5.70
C VAL C 676 8.40 8.71 -5.08
N LYS C 677 8.90 7.51 -4.95
CA LYS C 677 8.15 6.47 -4.26
C LYS C 677 8.28 6.66 -2.76
N PRO C 678 7.17 6.70 -2.01
CA PRO C 678 7.27 6.88 -0.56
C PRO C 678 7.83 5.68 0.15
N GLY C 679 7.66 4.51 -0.41
CA GLY C 679 7.94 3.27 0.28
C GLY C 679 7.02 2.21 -0.26
N GLY C 680 7.13 1.04 0.29
CA GLY C 680 6.42 -0.11 -0.22
C GLY C 680 7.38 -1.11 -0.81
N THR C 681 6.82 -2.07 -1.50
CA THR C 681 7.61 -3.08 -2.17
C THR C 681 7.51 -2.86 -3.67
N SER C 682 8.66 -2.84 -4.34
CA SER C 682 8.64 -2.91 -5.78
C SER C 682 8.35 -4.34 -6.20
N SER C 683 7.44 -4.47 -7.16
CA SER C 683 6.97 -5.78 -7.57
C SER C 683 8.03 -6.56 -8.33
N GLY C 684 8.97 -5.88 -8.95
CA GLY C 684 9.96 -6.57 -9.74
C GLY C 684 11.33 -6.58 -9.09
N ASP C 685 11.34 -6.45 -7.78
CA ASP C 685 12.55 -6.68 -7.02
C ASP C 685 12.95 -8.14 -7.11
N ALA C 686 14.25 -8.39 -6.97
CA ALA C 686 14.75 -9.76 -7.06
C ALA C 686 14.27 -10.62 -5.89
N THR C 687 14.07 -10.00 -4.72
CA THR C 687 13.84 -10.72 -3.48
C THR C 687 12.48 -10.43 -2.89
N THR C 688 11.48 -10.11 -3.71
CA THR C 688 10.24 -9.55 -3.18
C THR C 688 9.36 -10.59 -2.50
N ALA C 689 9.30 -11.81 -3.03
CA ALA C 689 8.49 -12.85 -2.41
C ALA C 689 9.06 -13.29 -1.08
N TYR C 690 10.37 -13.30 -0.97
CA TYR C 690 11.05 -13.77 0.22
C TYR C 690 11.04 -12.70 1.31
N ALA C 691 11.17 -11.43 0.92
CA ALA C 691 10.99 -10.34 1.86
C ALA C 691 9.56 -10.22 2.34
N ASN C 692 8.58 -10.51 1.47
CA ASN C 692 7.21 -10.57 1.93
C ASN C 692 6.96 -11.73 2.88
N SER C 693 7.67 -12.84 2.69
CA SER C 693 7.59 -13.94 3.65
C SER C 693 8.16 -13.56 5.01
N VAL C 694 9.29 -12.83 5.02
CA VAL C 694 9.88 -12.34 6.27
C VAL C 694 8.93 -11.39 6.98
N PHE C 695 8.30 -10.50 6.22
CA PHE C 695 7.35 -9.54 6.78
C PHE C 695 6.12 -10.23 7.37
N ASN C 696 5.63 -11.27 6.68
CA ASN C 696 4.49 -12.04 7.14
C ASN C 696 4.78 -12.73 8.47
N ILE C 697 5.94 -13.39 8.57
CA ILE C 697 6.32 -14.03 9.82
C ILE C 697 6.55 -13.01 10.93
N CYS C 698 7.06 -11.82 10.57
CA CYS C 698 7.27 -10.76 11.55
C CYS C 698 5.95 -10.29 12.16
N GLN C 699 4.94 -10.08 11.34
CA GLN C 699 3.65 -9.65 11.87
C GLN C 699 2.97 -10.74 12.68
N ALA C 700 3.16 -12.01 12.30
CA ALA C 700 2.59 -13.09 13.10
C ALA C 700 3.28 -13.23 14.46
N VAL C 701 4.60 -13.08 14.50
CA VAL C 701 5.33 -13.16 15.77
C VAL C 701 4.99 -11.97 16.66
N THR C 702 4.82 -10.78 16.07
CA THR C 702 4.40 -9.62 16.83
C THR C 702 3.00 -9.79 17.41
N ALA C 703 2.11 -10.44 16.65
CA ALA C 703 0.77 -10.70 17.13
C ALA C 703 0.78 -11.65 18.31
N ASN C 704 1.65 -12.65 18.30
CA ASN C 704 1.74 -13.56 19.45
C ASN C 704 2.35 -12.88 20.66
N VAL C 705 3.34 -12.01 20.43
CA VAL C 705 3.93 -11.27 21.53
C VAL C 705 2.90 -10.32 22.16
N ASN C 706 2.10 -9.65 21.33
CA ASN C 706 1.09 -8.74 21.83
C ASN C 706 -0.07 -9.47 22.49
N ALA C 707 -0.35 -10.69 22.05
CA ALA C 707 -1.37 -11.49 22.71
C ALA C 707 -0.90 -11.93 24.09
N LEU C 708 0.34 -12.37 24.19
CA LEU C 708 0.82 -12.92 25.45
C LEU C 708 1.05 -11.82 26.47
N LEU C 709 1.54 -10.66 26.04
CA LEU C 709 1.84 -9.60 26.99
C LEU C 709 0.60 -8.85 27.44
N SER C 710 -0.47 -8.86 26.67
CA SER C 710 -1.68 -8.17 27.06
C SER C 710 -2.65 -9.05 27.81
N THR C 711 -2.21 -10.20 28.26
CA THR C 711 -3.05 -11.10 29.03
C THR C 711 -2.80 -10.87 30.51
N ASP C 712 -3.87 -10.85 31.29
CA ASP C 712 -3.80 -10.79 32.74
C ASP C 712 -3.04 -11.98 33.30
N GLY C 713 -1.84 -11.76 33.81
CA GLY C 713 -1.00 -12.84 34.28
C GLY C 713 -1.44 -13.52 35.54
N ASN C 714 -2.43 -12.94 36.24
CA ASN C 714 -3.03 -13.62 37.37
C ASN C 714 -3.96 -14.74 36.91
N LYS C 715 -4.50 -14.62 35.70
CA LYS C 715 -5.50 -15.55 35.20
C LYS C 715 -4.90 -16.70 34.41
N ILE C 716 -3.61 -16.67 34.13
CA ILE C 716 -2.98 -17.75 33.40
C ILE C 716 -2.79 -18.93 34.34
N ALA C 717 -3.46 -20.05 34.03
CA ALA C 717 -3.49 -21.19 34.94
C ALA C 717 -2.27 -22.08 34.79
N ASP C 718 -1.59 -22.03 33.66
CA ASP C 718 -0.35 -22.77 33.50
C ASP C 718 0.78 -21.97 34.12
N LYS C 719 1.60 -22.62 34.93
CA LYS C 719 2.75 -21.92 35.52
C LYS C 719 3.83 -21.66 34.47
N TYR C 720 3.98 -22.57 33.52
CA TYR C 720 5.02 -22.42 32.50
C TYR C 720 4.74 -21.24 31.59
N VAL C 721 3.49 -21.08 31.16
CA VAL C 721 3.10 -19.98 30.29
C VAL C 721 3.19 -18.66 31.06
N ARG C 722 2.91 -18.69 32.35
CA ARG C 722 2.99 -17.48 33.17
C ARG C 722 4.43 -17.02 33.34
N ASN C 723 5.36 -17.95 33.59
CA ASN C 723 6.77 -17.59 33.65
C ASN C 723 7.31 -17.18 32.29
N LEU C 724 6.75 -17.75 31.22
CA LEU C 724 7.12 -17.34 29.87
C LEU C 724 6.70 -15.91 29.60
N GLN C 725 5.53 -15.50 30.09
CA GLN C 725 5.08 -14.12 29.95
C GLN C 725 5.95 -13.16 30.74
N HIS C 726 6.35 -13.57 31.94
CA HIS C 726 7.28 -12.77 32.75
C HIS C 726 8.60 -12.55 32.04
N ARG C 727 9.24 -13.62 31.57
CA ARG C 727 10.51 -13.47 30.87
C ARG C 727 10.38 -12.82 29.52
N LEU C 728 9.20 -12.86 28.90
CA LEU C 728 8.98 -12.15 27.65
C LEU C 728 8.99 -10.66 27.87
N TYR C 729 8.32 -10.19 28.93
CA TYR C 729 8.41 -8.79 29.30
C TYR C 729 9.85 -8.39 29.63
N GLU C 730 10.58 -9.26 30.32
CA GLU C 730 11.95 -8.94 30.69
C GLU C 730 12.86 -8.85 29.47
N CYS C 731 12.68 -9.73 28.50
CA CYS C 731 13.53 -9.71 27.32
C CYS C 731 13.17 -8.56 26.40
N LEU C 732 11.92 -8.11 26.40
CA LEU C 732 11.60 -6.93 25.61
C LEU C 732 12.12 -5.66 26.28
N TYR C 733 11.66 -5.37 27.49
CA TYR C 733 11.83 -4.02 28.02
C TYR C 733 12.89 -3.87 29.10
N ARG C 734 13.26 -4.94 29.80
CA ARG C 734 14.16 -4.82 30.93
C ARG C 734 15.55 -5.36 30.66
N ASN C 735 15.89 -5.60 29.39
CA ASN C 735 17.15 -6.24 29.03
C ASN C 735 17.50 -5.83 27.62
N ARG C 736 18.77 -5.49 27.39
CA ARG C 736 19.19 -4.96 26.10
C ARG C 736 20.14 -5.86 25.33
N ASP C 737 20.67 -6.92 25.93
CA ASP C 737 21.37 -7.92 25.15
C ASP C 737 20.36 -8.86 24.49
N VAL C 738 20.85 -9.69 23.59
CA VAL C 738 20.03 -10.78 23.05
C VAL C 738 20.15 -11.96 24.00
N ASP C 739 19.02 -12.42 24.52
CA ASP C 739 18.95 -13.59 25.39
C ASP C 739 18.60 -14.78 24.52
N THR C 740 19.61 -15.50 24.05
CA THR C 740 19.41 -16.52 23.02
C THR C 740 18.67 -17.74 23.56
N ASP C 741 18.79 -18.02 24.87
CA ASP C 741 18.00 -19.09 25.47
C ASP C 741 16.51 -18.80 25.42
N PHE C 742 16.12 -17.56 25.71
CA PHE C 742 14.70 -17.27 25.66
C PHE C 742 14.19 -17.16 24.23
N VAL C 743 15.01 -16.72 23.29
CA VAL C 743 14.61 -16.72 21.89
C VAL C 743 14.36 -18.15 21.42
N ASN C 744 15.22 -19.09 21.83
CA ASN C 744 14.98 -20.51 21.53
C ASN C 744 13.71 -21.02 22.20
N GLU C 745 13.46 -20.62 23.44
CA GLU C 745 12.30 -21.10 24.18
C GLU C 745 11.00 -20.55 23.59
N PHE C 746 10.99 -19.28 23.23
CA PHE C 746 9.80 -18.68 22.63
C PHE C 746 9.57 -19.20 21.22
N TYR C 747 10.63 -19.46 20.47
CA TYR C 747 10.48 -20.05 19.16
C TYR C 747 9.95 -21.47 19.24
N ALA C 748 10.36 -22.23 20.25
CA ALA C 748 9.81 -23.57 20.45
C ALA C 748 8.34 -23.52 20.84
N TYR C 749 7.98 -22.55 21.69
CA TYR C 749 6.58 -22.34 22.06
C TYR C 749 5.74 -22.01 20.84
N LEU C 750 6.26 -21.19 19.94
CA LEU C 750 5.52 -20.84 18.73
C LEU C 750 5.40 -22.01 17.78
N ARG C 751 6.47 -22.80 17.63
CA ARG C 751 6.38 -23.96 16.76
C ARG C 751 5.47 -25.04 17.33
N LYS C 752 5.29 -25.06 18.65
CA LYS C 752 4.39 -26.02 19.25
C LYS C 752 2.94 -25.58 19.15
N HIS C 753 2.64 -24.30 19.32
CA HIS C 753 1.26 -23.88 19.40
C HIS C 753 0.78 -22.99 18.28
N PHE C 754 1.65 -22.51 17.41
CA PHE C 754 1.27 -21.61 16.33
C PHE C 754 2.03 -22.03 15.08
N SER C 755 1.52 -23.03 14.37
CA SER C 755 2.27 -23.60 13.26
C SER C 755 1.90 -22.88 11.97
N MET C 756 2.89 -22.39 11.24
CA MET C 756 2.66 -21.50 10.12
C MET C 756 3.11 -22.11 8.80
N MET C 757 2.32 -21.88 7.77
CA MET C 757 2.69 -22.15 6.39
C MET C 757 2.62 -20.84 5.64
N ILE C 758 3.79 -20.31 5.26
CA ILE C 758 3.86 -18.94 4.68
C ILE C 758 4.38 -18.96 3.24
N LEU C 759 3.63 -18.33 2.33
CA LEU C 759 4.07 -18.09 0.94
C LEU C 759 3.75 -16.63 0.66
N SER C 760 4.77 -15.76 0.69
CA SER C 760 4.57 -14.30 0.51
C SER C 760 3.59 -13.78 1.55
N ASP C 761 2.60 -12.98 1.13
CA ASP C 761 1.56 -12.44 2.05
C ASP C 761 0.65 -13.55 2.57
N ASP C 762 0.36 -14.57 1.74
CA ASP C 762 -0.54 -15.69 2.10
C ASP C 762 0.03 -16.52 3.25
N ALA C 763 -0.83 -16.97 4.17
CA ALA C 763 -0.39 -17.81 5.31
C ALA C 763 -1.56 -18.64 5.87
N VAL C 764 -1.26 -19.84 6.35
CA VAL C 764 -2.19 -20.71 7.05
C VAL C 764 -1.55 -21.08 8.38
N VAL C 765 -2.21 -20.75 9.48
CA VAL C 765 -1.70 -21.27 10.74
C VAL C 765 -2.65 -22.32 11.27
N CYS C 766 -2.06 -23.29 11.91
CA CYS C 766 -2.74 -24.30 12.72
C CYS C 766 -2.40 -23.97 14.16
N PHE C 767 -3.38 -23.56 14.93
CA PHE C 767 -3.14 -23.04 16.25
C PHE C 767 -3.92 -23.84 17.29
N ASN C 768 -3.40 -23.81 18.51
CA ASN C 768 -4.08 -24.37 19.65
C ASN C 768 -5.30 -23.52 20.00
N SER C 769 -6.46 -24.16 20.12
CA SER C 769 -7.71 -23.45 20.35
C SER C 769 -7.90 -23.05 21.80
N THR C 770 -7.54 -23.94 22.72
CA THR C 770 -7.64 -23.62 24.14
C THR C 770 -6.66 -22.53 24.53
N TYR C 771 -5.48 -22.49 23.90
CA TYR C 771 -4.54 -21.44 24.20
C TYR C 771 -4.97 -20.10 23.63
N ALA C 772 -5.58 -20.10 22.45
CA ALA C 772 -6.04 -18.85 21.87
C ALA C 772 -7.29 -18.32 22.57
N SER C 773 -8.15 -19.19 23.07
CA SER C 773 -9.29 -18.72 23.84
C SER C 773 -8.87 -18.12 25.17
N GLN C 774 -7.78 -18.62 25.74
CA GLN C 774 -7.21 -18.03 26.94
C GLN C 774 -6.33 -16.83 26.65
N GLY C 775 -6.07 -16.52 25.38
CA GLY C 775 -5.25 -15.39 25.03
C GLY C 775 -3.76 -15.65 25.08
N LEU C 776 -3.33 -16.87 24.80
CA LEU C 776 -1.93 -17.22 24.94
C LEU C 776 -1.19 -17.36 23.63
N VAL C 777 -1.89 -17.65 22.54
CA VAL C 777 -1.38 -17.44 21.19
C VAL C 777 -2.34 -16.46 20.52
N ALA C 778 -1.92 -15.93 19.39
CA ALA C 778 -2.68 -14.89 18.75
C ALA C 778 -3.92 -15.45 18.07
N SER C 779 -4.91 -14.59 17.92
CA SER C 779 -6.12 -14.88 17.15
C SER C 779 -6.30 -13.75 16.16
N ILE C 780 -7.45 -13.69 15.51
CA ILE C 780 -7.69 -12.72 14.44
C ILE C 780 -7.71 -11.29 14.98
N LYS C 781 -8.20 -11.09 16.21
CA LYS C 781 -8.25 -9.76 16.79
C LYS C 781 -6.86 -9.21 17.06
N ASN C 782 -5.92 -10.08 17.42
CA ASN C 782 -4.54 -9.67 17.62
C ASN C 782 -3.92 -9.21 16.31
N PHE C 783 -4.24 -9.89 15.21
CA PHE C 783 -3.73 -9.49 13.92
C PHE C 783 -4.32 -8.19 13.46
N LYS C 784 -5.60 -7.97 13.76
CA LYS C 784 -6.24 -6.70 13.46
C LYS C 784 -5.57 -5.56 14.21
N SER C 785 -5.24 -5.78 15.48
CA SER C 785 -4.58 -4.77 16.30
C SER C 785 -3.19 -4.45 15.77
N VAL C 786 -2.40 -5.49 15.49
CA VAL C 786 -1.02 -5.33 15.06
C VAL C 786 -0.96 -4.68 13.69
N LEU C 787 -1.87 -5.05 12.79
CA LEU C 787 -1.94 -4.34 11.52
C LEU C 787 -2.50 -2.94 11.64
N TYR C 788 -3.22 -2.62 12.72
CA TYR C 788 -3.69 -1.25 12.88
C TYR C 788 -2.55 -0.32 13.26
N TYR C 789 -1.75 -0.68 14.26
CA TYR C 789 -0.74 0.28 14.67
C TYR C 789 0.59 0.12 13.94
N GLN C 790 0.91 -1.06 13.41
CA GLN C 790 2.16 -1.18 12.67
C GLN C 790 1.97 -0.94 11.18
N ASN C 791 0.94 -1.52 10.60
CA ASN C 791 0.79 -1.53 9.15
C ASN C 791 -0.07 -0.40 8.61
N ASN C 792 -0.75 0.35 9.48
CA ASN C 792 -1.62 1.49 9.12
C ASN C 792 -2.78 1.08 8.23
N VAL C 793 -3.34 -0.11 8.46
CA VAL C 793 -4.47 -0.59 7.69
C VAL C 793 -5.45 -1.24 8.64
N PHE C 794 -6.72 -1.25 8.25
CA PHE C 794 -7.73 -1.96 9.01
C PHE C 794 -8.07 -3.24 8.27
N MET C 795 -7.70 -4.38 8.84
CA MET C 795 -7.99 -5.68 8.27
C MET C 795 -9.33 -6.14 8.79
N SER C 796 -10.33 -6.16 7.91
CA SER C 796 -11.66 -6.58 8.32
C SER C 796 -11.72 -8.09 8.43
N GLU C 797 -12.54 -8.56 9.36
CA GLU C 797 -12.70 -10.00 9.57
C GLU C 797 -13.47 -10.68 8.46
N ALA C 798 -14.06 -9.93 7.53
CA ALA C 798 -14.72 -10.55 6.39
C ALA C 798 -13.71 -11.15 5.43
N LYS C 799 -12.48 -10.65 5.43
CA LYS C 799 -11.43 -11.16 4.57
C LYS C 799 -10.52 -12.15 5.26
N CYS C 800 -10.78 -12.45 6.53
CA CYS C 800 -10.10 -13.51 7.24
C CYS C 800 -10.96 -14.75 7.24
N TRP C 801 -10.37 -15.86 7.66
CA TRP C 801 -11.16 -17.07 7.82
C TRP C 801 -10.57 -17.89 8.96
N THR C 802 -11.44 -18.57 9.66
CA THR C 802 -11.05 -19.57 10.63
C THR C 802 -11.76 -20.87 10.29
N GLU C 803 -11.24 -21.96 10.83
CA GLU C 803 -11.69 -23.29 10.42
C GLU C 803 -11.56 -24.22 11.61
N THR C 804 -12.65 -24.88 11.97
CA THR C 804 -12.67 -25.77 13.12
C THR C 804 -12.33 -27.20 12.73
N ASP C 805 -12.85 -27.66 11.61
CA ASP C 805 -12.65 -29.03 11.13
C ASP C 805 -11.38 -29.10 10.30
N LEU C 806 -10.41 -29.89 10.74
CA LEU C 806 -9.20 -30.08 9.97
C LEU C 806 -9.33 -31.15 8.89
N THR C 807 -10.41 -31.93 8.88
CA THR C 807 -10.61 -32.82 7.75
C THR C 807 -11.09 -32.09 6.52
N LYS C 808 -11.59 -30.88 6.67
CA LYS C 808 -11.57 -29.90 5.60
C LYS C 808 -10.25 -29.16 5.69
N GLY C 809 -9.72 -28.75 4.56
CA GLY C 809 -8.43 -28.11 4.58
C GLY C 809 -8.50 -26.67 5.03
N PRO C 810 -7.48 -25.90 4.68
CA PRO C 810 -7.61 -24.46 4.74
C PRO C 810 -8.69 -23.97 3.79
N HIS C 811 -9.28 -22.83 4.11
CA HIS C 811 -10.36 -22.32 3.27
C HIS C 811 -9.81 -21.77 1.96
N GLU C 812 -8.72 -21.03 2.02
CA GLU C 812 -8.08 -20.53 0.81
C GLU C 812 -6.59 -20.40 1.09
N PHE C 813 -5.78 -20.92 0.18
CA PHE C 813 -4.35 -20.70 0.23
C PHE C 813 -3.86 -20.71 -1.20
N CYS C 814 -3.27 -19.60 -1.63
CA CYS C 814 -2.70 -19.43 -2.97
C CYS C 814 -3.75 -19.67 -4.05
N SER C 815 -4.95 -19.13 -3.79
CA SER C 815 -6.17 -19.19 -4.61
C SER C 815 -6.79 -20.57 -4.72
N GLN C 816 -6.25 -21.57 -4.04
CA GLN C 816 -6.72 -22.94 -4.11
C GLN C 816 -7.54 -23.29 -2.89
N HIS C 817 -8.62 -24.03 -3.10
CA HIS C 817 -9.32 -24.66 -2.00
C HIS C 817 -8.84 -26.09 -1.86
N THR C 818 -9.18 -26.71 -0.76
CA THR C 818 -8.67 -28.03 -0.43
C THR C 818 -9.83 -29.00 -0.28
N MET C 819 -9.67 -30.20 -0.83
CA MET C 819 -10.60 -31.28 -0.57
C MET C 819 -9.83 -32.50 -0.06
N LEU C 820 -10.42 -33.21 0.87
CA LEU C 820 -9.87 -34.46 1.37
C LEU C 820 -10.58 -35.59 0.63
N VAL C 821 -9.85 -36.27 -0.26
CA VAL C 821 -10.45 -37.26 -1.14
C VAL C 821 -9.65 -38.55 -1.12
N LYS C 822 -10.36 -39.64 -1.39
CA LYS C 822 -9.78 -40.99 -1.33
C LYS C 822 -9.06 -41.28 -2.63
N GLN C 823 -7.74 -41.31 -2.58
CA GLN C 823 -6.90 -41.55 -3.75
C GLN C 823 -6.25 -42.91 -3.59
N GLY C 824 -6.62 -43.84 -4.45
CA GLY C 824 -6.22 -45.22 -4.29
C GLY C 824 -6.81 -45.76 -3.00
N ASP C 825 -5.93 -46.09 -2.06
CA ASP C 825 -6.33 -46.56 -0.76
C ASP C 825 -6.01 -45.56 0.34
N ASP C 826 -5.55 -44.36 -0.01
CA ASP C 826 -5.27 -43.34 0.98
C ASP C 826 -6.33 -42.25 0.92
N TYR C 827 -6.25 -41.31 1.86
CA TYR C 827 -7.04 -40.09 1.83
C TYR C 827 -6.06 -38.93 1.80
N VAL C 828 -6.02 -38.22 0.67
CA VAL C 828 -5.06 -37.14 0.47
C VAL C 828 -5.80 -35.83 0.32
N TYR C 829 -5.06 -34.73 0.41
CA TYR C 829 -5.59 -33.39 0.27
C TYR C 829 -5.25 -32.88 -1.12
N LEU C 830 -6.23 -32.67 -1.92
CA LEU C 830 -6.03 -32.16 -3.25
C LEU C 830 -6.39 -30.68 -3.31
N PRO C 831 -5.66 -29.89 -4.08
CA PRO C 831 -6.05 -28.50 -4.30
C PRO C 831 -6.88 -28.32 -5.56
N TYR C 832 -7.91 -27.49 -5.47
CA TYR C 832 -8.69 -27.20 -6.65
C TYR C 832 -8.94 -25.71 -6.76
N PRO C 833 -8.96 -25.17 -7.97
CA PRO C 833 -9.19 -23.74 -8.14
C PRO C 833 -10.67 -23.42 -8.28
N ASP C 834 -10.96 -22.13 -8.30
CA ASP C 834 -12.29 -21.65 -8.62
C ASP C 834 -12.63 -22.03 -10.06
N PRO C 835 -13.78 -22.67 -10.31
CA PRO C 835 -14.07 -23.15 -11.66
C PRO C 835 -14.30 -22.03 -12.66
N SER C 836 -14.73 -20.86 -12.19
CA SER C 836 -14.85 -19.71 -13.06
C SER C 836 -13.50 -19.19 -13.51
N ARG C 837 -12.45 -19.40 -12.71
CA ARG C 837 -11.11 -18.97 -13.11
C ARG C 837 -10.60 -19.81 -14.28
N ILE C 838 -10.86 -21.12 -14.24
CA ILE C 838 -10.45 -21.99 -15.34
C ILE C 838 -11.31 -21.75 -16.57
N LEU C 839 -12.61 -21.53 -16.37
CA LEU C 839 -13.49 -21.25 -17.51
C LEU C 839 -13.21 -19.89 -18.13
N GLY C 840 -12.82 -18.90 -17.33
CA GLY C 840 -12.45 -17.62 -17.89
C GLY C 840 -11.12 -17.66 -18.61
N ALA C 841 -10.18 -18.48 -18.14
CA ALA C 841 -8.95 -18.67 -18.90
C ALA C 841 -9.21 -19.41 -20.19
N GLY C 842 -10.22 -20.28 -20.22
CA GLY C 842 -10.61 -20.86 -21.50
C GLY C 842 -11.23 -19.85 -22.44
N CYS C 843 -12.21 -19.08 -21.95
CA CYS C 843 -13.03 -18.27 -22.85
C CYS C 843 -12.34 -16.99 -23.30
N PHE C 844 -11.68 -16.27 -22.40
CA PHE C 844 -11.05 -15.00 -22.74
C PHE C 844 -9.54 -15.15 -22.73
N VAL C 845 -8.90 -14.64 -23.78
CA VAL C 845 -7.45 -14.66 -23.92
C VAL C 845 -6.98 -13.24 -24.15
N ASP C 846 -5.67 -13.08 -24.29
CA ASP C 846 -5.09 -11.76 -24.50
C ASP C 846 -4.43 -11.62 -25.86
N ASP C 847 -4.22 -12.71 -26.56
CA ASP C 847 -3.64 -12.69 -27.90
C ASP C 847 -4.63 -13.29 -28.87
N ILE C 848 -4.63 -12.77 -30.09
CA ILE C 848 -5.61 -13.25 -31.07
C ILE C 848 -5.19 -14.60 -31.64
N VAL C 849 -3.94 -14.99 -31.44
CA VAL C 849 -3.49 -16.29 -31.93
C VAL C 849 -3.74 -17.38 -30.90
N LYS C 850 -4.13 -16.99 -29.68
CA LYS C 850 -4.57 -17.99 -28.71
C LYS C 850 -6.04 -18.32 -28.89
N THR C 851 -6.73 -17.59 -29.78
CA THR C 851 -8.10 -17.86 -30.16
C THR C 851 -8.18 -18.99 -31.18
N ASP C 852 -7.02 -19.44 -31.68
CA ASP C 852 -6.96 -20.44 -32.74
C ASP C 852 -7.53 -21.77 -32.28
N GLY C 853 -7.16 -22.20 -31.07
CA GLY C 853 -7.55 -23.50 -30.59
C GLY C 853 -6.81 -24.66 -31.21
N THR C 854 -6.86 -24.82 -32.52
CA THR C 854 -6.11 -25.83 -33.25
C THR C 854 -4.60 -25.61 -33.15
N LEU C 855 -4.19 -24.35 -33.04
CA LEU C 855 -2.88 -24.04 -32.48
C LEU C 855 -3.03 -23.86 -30.97
N MET C 856 -1.98 -24.25 -30.23
CA MET C 856 -1.96 -24.21 -28.75
C MET C 856 -3.05 -25.09 -28.14
N ILE C 857 -2.92 -26.40 -28.33
CA ILE C 857 -3.65 -27.36 -27.52
C ILE C 857 -3.07 -27.37 -26.10
N GLU C 858 -1.78 -27.08 -25.99
CA GLU C 858 -0.98 -27.05 -24.76
C GLU C 858 -1.60 -26.18 -23.68
N ARG C 859 -2.23 -25.09 -24.12
CA ARG C 859 -2.95 -24.19 -23.24
C ARG C 859 -4.08 -24.90 -22.52
N PHE C 860 -4.87 -25.66 -23.25
CA PHE C 860 -5.99 -26.35 -22.64
C PHE C 860 -5.53 -27.57 -21.88
N VAL C 861 -4.36 -28.13 -22.25
CA VAL C 861 -3.81 -29.24 -21.49
C VAL C 861 -3.38 -28.76 -20.11
N SER C 862 -2.77 -27.57 -20.04
CA SER C 862 -2.41 -27.00 -18.76
C SER C 862 -3.64 -26.62 -17.94
N LEU C 863 -4.67 -26.11 -18.60
CA LEU C 863 -5.88 -25.76 -17.86
C LEU C 863 -6.63 -26.98 -17.36
N ALA C 864 -6.55 -28.10 -18.07
CA ALA C 864 -7.16 -29.33 -17.59
C ALA C 864 -6.32 -29.98 -16.50
N ILE C 865 -5.00 -29.79 -16.53
CA ILE C 865 -4.16 -30.18 -15.39
C ILE C 865 -4.58 -29.42 -14.15
N ASP C 866 -4.83 -28.12 -14.29
CA ASP C 866 -5.25 -27.33 -13.14
C ASP C 866 -6.66 -27.67 -12.66
N ALA C 867 -7.54 -28.11 -13.56
CA ALA C 867 -8.93 -28.35 -13.24
C ALA C 867 -9.24 -29.83 -13.02
N TYR C 868 -8.23 -30.66 -12.81
CA TYR C 868 -8.49 -32.08 -12.58
C TYR C 868 -9.24 -32.38 -11.27
N PRO C 869 -8.81 -31.90 -10.08
CA PRO C 869 -9.48 -32.36 -8.85
C PRO C 869 -10.90 -31.89 -8.69
N LEU C 870 -11.39 -31.02 -9.57
CA LEU C 870 -12.81 -30.72 -9.64
C LEU C 870 -13.66 -31.95 -9.93
N THR C 871 -13.09 -33.00 -10.53
CA THR C 871 -13.84 -34.24 -10.70
C THR C 871 -14.10 -34.99 -9.40
N LYS C 872 -13.44 -34.61 -8.31
CA LYS C 872 -13.69 -35.28 -7.04
C LYS C 872 -14.60 -34.46 -6.14
N HIS C 873 -15.29 -33.57 -6.66
CA HIS C 873 -16.11 -32.60 -5.94
C HIS C 873 -17.55 -33.10 -5.83
N PRO C 874 -18.26 -32.71 -4.77
CA PRO C 874 -19.68 -33.07 -4.69
C PRO C 874 -20.55 -32.35 -5.71
N ASN C 875 -20.21 -31.12 -6.08
CA ASN C 875 -20.97 -30.38 -7.06
C ASN C 875 -20.76 -30.99 -8.44
N GLN C 876 -21.85 -31.32 -9.12
CA GLN C 876 -21.74 -31.93 -10.45
C GLN C 876 -21.32 -30.90 -11.49
N GLU C 877 -21.80 -29.66 -11.34
CA GLU C 877 -21.40 -28.58 -12.24
C GLU C 877 -19.96 -28.19 -12.03
N TYR C 878 -19.39 -28.45 -10.86
CA TYR C 878 -17.95 -28.25 -10.69
C TYR C 878 -17.17 -29.35 -11.40
N ALA C 879 -17.69 -30.57 -11.37
CA ALA C 879 -16.98 -31.70 -11.93
C ALA C 879 -17.08 -31.77 -13.44
N ASP C 880 -18.08 -31.13 -14.04
CA ASP C 880 -18.18 -31.14 -15.49
C ASP C 880 -17.17 -30.24 -16.17
N VAL C 881 -16.44 -29.40 -15.42
CA VAL C 881 -15.46 -28.50 -16.01
C VAL C 881 -14.27 -29.28 -16.57
N PHE C 882 -13.81 -30.30 -15.84
CA PHE C 882 -12.70 -31.09 -16.34
C PHE C 882 -13.11 -31.93 -17.55
N HIS C 883 -14.32 -32.48 -17.54
CA HIS C 883 -14.77 -33.25 -18.68
C HIS C 883 -15.02 -32.37 -19.89
N LEU C 884 -15.43 -31.11 -19.67
CA LEU C 884 -15.53 -30.17 -20.77
C LEU C 884 -14.17 -29.89 -21.38
N TYR C 885 -13.15 -29.70 -20.53
CA TYR C 885 -11.82 -29.46 -21.06
C TYR C 885 -11.26 -30.69 -21.76
N LEU C 886 -11.58 -31.89 -21.28
CA LEU C 886 -11.17 -33.12 -21.96
C LEU C 886 -11.81 -33.24 -23.34
N GLN C 887 -13.13 -33.02 -23.42
CA GLN C 887 -13.83 -33.18 -24.68
C GLN C 887 -13.42 -32.12 -25.69
N TYR C 888 -13.10 -30.91 -25.24
CA TYR C 888 -12.62 -29.91 -26.16
C TYR C 888 -11.19 -30.16 -26.61
N ILE C 889 -10.34 -30.70 -25.72
CA ILE C 889 -8.99 -31.09 -26.11
C ILE C 889 -9.04 -32.19 -27.16
N ARG C 890 -9.95 -33.15 -26.98
CA ARG C 890 -10.13 -34.23 -27.95
C ARG C 890 -10.63 -33.68 -29.28
N LYS C 891 -11.56 -32.72 -29.25
CA LYS C 891 -12.09 -32.15 -30.48
C LYS C 891 -11.04 -31.39 -31.26
N LEU C 892 -10.24 -30.55 -30.58
CA LEU C 892 -9.14 -29.85 -31.24
C LEU C 892 -8.09 -30.81 -31.76
N HIS C 893 -7.80 -31.86 -30.99
CA HIS C 893 -6.74 -32.80 -31.33
C HIS C 893 -7.16 -33.69 -32.49
N ASP C 894 -8.46 -33.87 -32.69
CA ASP C 894 -8.92 -34.64 -33.83
C ASP C 894 -9.06 -33.77 -35.07
N GLU C 895 -9.64 -32.58 -34.94
CA GLU C 895 -9.80 -31.76 -36.14
C GLU C 895 -8.54 -31.00 -36.51
N LEU C 896 -7.47 -31.12 -35.72
CA LEU C 896 -6.16 -30.70 -36.18
C LEU C 896 -5.66 -31.60 -37.29
N THR C 897 -5.57 -32.89 -37.00
CA THR C 897 -5.05 -33.86 -37.96
C THR C 897 -6.16 -34.40 -38.84
N THR C 913 -0.85 -39.94 -27.85
CA THR C 913 -1.37 -38.58 -28.00
C THR C 913 -2.87 -38.58 -27.79
N SER C 914 -3.42 -39.78 -27.65
CA SER C 914 -4.81 -39.93 -27.22
C SER C 914 -4.96 -39.80 -25.71
N ARG C 915 -3.86 -39.67 -24.98
CA ARG C 915 -3.90 -39.58 -23.52
C ARG C 915 -4.45 -38.25 -23.03
N TYR C 916 -4.53 -37.24 -23.90
CA TYR C 916 -4.98 -35.94 -23.46
C TYR C 916 -6.48 -35.85 -23.27
N TRP C 917 -7.24 -36.86 -23.70
CA TRP C 917 -8.60 -37.00 -23.23
C TRP C 917 -8.81 -38.31 -22.49
N GLU C 918 -7.75 -38.96 -22.14
CA GLU C 918 -7.83 -39.98 -21.11
C GLU C 918 -7.57 -39.33 -19.76
N PRO C 919 -8.41 -39.54 -18.76
CA PRO C 919 -8.19 -38.90 -17.45
C PRO C 919 -7.07 -39.50 -16.62
N GLU C 920 -6.21 -40.34 -17.19
CA GLU C 920 -5.14 -40.94 -16.43
C GLU C 920 -3.88 -40.09 -16.44
N PHE C 921 -3.66 -39.35 -17.52
CA PHE C 921 -2.54 -38.41 -17.61
C PHE C 921 -2.63 -37.36 -16.54
N TYR C 922 -3.83 -36.94 -16.21
CA TYR C 922 -4.09 -35.90 -15.23
C TYR C 922 -4.23 -36.45 -13.83
N GLU C 923 -4.66 -37.69 -13.69
CA GLU C 923 -4.65 -38.31 -12.37
C GLU C 923 -3.22 -38.64 -11.95
N ALA C 924 -2.31 -38.79 -12.91
CA ALA C 924 -0.91 -39.00 -12.58
C ALA C 924 -0.25 -37.76 -11.97
N MET C 925 -0.79 -36.57 -12.19
CA MET C 925 -0.16 -35.36 -11.68
C MET C 925 -0.43 -35.13 -10.20
N TYR C 926 -1.34 -35.88 -9.58
CA TYR C 926 -1.72 -35.64 -8.20
C TYR C 926 -1.46 -36.83 -7.30
N THR C 927 -0.67 -37.80 -7.76
CA THR C 927 -0.27 -38.96 -7.01
C THR C 927 1.20 -38.85 -6.65
N PRO C 928 1.62 -39.38 -5.48
CA PRO C 928 2.98 -39.12 -5.00
C PRO C 928 4.12 -39.70 -5.82
N HIS C 929 3.87 -40.50 -6.85
CA HIS C 929 4.99 -41.13 -7.56
C HIS C 929 5.44 -40.15 -8.64
N THR C 930 6.39 -39.30 -8.27
CA THR C 930 6.84 -38.19 -9.12
C THR C 930 7.49 -38.62 -10.42
N ARG D 76 26.86 -12.62 -31.19
CA ARG D 76 27.91 -11.61 -31.08
C ARG D 76 27.81 -10.84 -29.78
N SER D 77 28.89 -10.86 -29.00
CA SER D 77 28.94 -10.20 -27.70
C SER D 77 29.95 -9.05 -27.68
N GLU D 78 30.43 -8.61 -28.84
CA GLU D 78 31.28 -7.43 -28.92
C GLU D 78 30.81 -6.43 -29.96
N ASP D 79 30.17 -6.90 -31.03
CA ASP D 79 29.52 -6.00 -31.97
C ASP D 79 28.37 -5.27 -31.29
N LYS D 80 27.48 -6.02 -30.65
CA LYS D 80 26.40 -5.42 -29.88
C LYS D 80 26.90 -4.71 -28.63
N ARG D 81 28.04 -5.11 -28.07
CA ARG D 81 28.56 -4.43 -26.89
C ARG D 81 29.10 -3.05 -27.25
N ALA D 82 29.83 -2.94 -28.36
CA ALA D 82 30.24 -1.65 -28.88
C ALA D 82 29.04 -0.82 -29.32
N LYS D 83 27.99 -1.48 -29.82
CA LYS D 83 26.78 -0.77 -30.21
C LYS D 83 26.07 -0.14 -29.02
N VAL D 84 25.91 -0.88 -27.93
CA VAL D 84 25.25 -0.30 -26.75
C VAL D 84 26.18 0.68 -26.05
N THR D 85 27.49 0.53 -26.20
CA THR D 85 28.43 1.51 -25.68
C THR D 85 28.29 2.85 -26.41
N SER D 86 28.18 2.79 -27.75
CA SER D 86 27.98 3.98 -28.55
C SER D 86 26.62 4.63 -28.26
N ALA D 87 25.59 3.81 -28.03
CA ALA D 87 24.27 4.35 -27.73
C ALA D 87 24.22 5.02 -26.37
N MET D 88 24.89 4.45 -25.37
CA MET D 88 24.94 5.07 -24.06
C MET D 88 25.77 6.35 -24.09
N GLN D 89 26.87 6.36 -24.87
CA GLN D 89 27.62 7.58 -25.09
C GLN D 89 26.77 8.67 -25.73
N THR D 90 25.97 8.30 -26.73
CA THR D 90 25.11 9.25 -27.42
C THR D 90 24.06 9.82 -26.49
N MET D 91 23.46 8.97 -25.66
CA MET D 91 22.41 9.43 -24.76
C MET D 91 22.96 10.30 -23.65
N LEU D 92 24.15 9.98 -23.14
CA LEU D 92 24.72 10.79 -22.06
C LEU D 92 25.25 12.12 -22.59
N PHE D 93 25.73 12.14 -23.84
CA PHE D 93 26.25 13.40 -24.36
C PHE D 93 25.15 14.26 -24.93
N THR D 94 23.97 13.68 -25.17
CA THR D 94 22.82 14.48 -25.59
C THR D 94 22.25 15.27 -24.40
N MET D 95 22.43 14.75 -23.18
CA MET D 95 21.72 15.30 -22.03
C MET D 95 22.33 16.60 -21.52
N LEU D 96 23.65 16.74 -21.54
CA LEU D 96 24.23 18.00 -21.08
C LEU D 96 24.10 19.08 -22.14
N ARG D 97 23.81 18.70 -23.38
CA ARG D 97 23.46 19.68 -24.40
C ARG D 97 22.08 20.25 -24.14
N LYS D 98 21.22 19.49 -23.47
CA LYS D 98 19.88 19.98 -23.16
C LYS D 98 19.94 21.03 -22.07
N LEU D 99 20.68 20.76 -21.01
CA LEU D 99 20.79 21.72 -19.94
C LEU D 99 21.80 22.80 -20.31
N ASP D 100 21.57 23.99 -19.77
CA ASP D 100 22.54 25.09 -19.86
C ASP D 100 23.11 25.31 -18.48
N ASN D 101 24.44 25.45 -18.41
CA ASN D 101 25.12 25.41 -17.13
C ASN D 101 25.18 26.79 -16.47
N ASP D 102 24.35 27.73 -16.93
CA ASP D 102 24.38 29.09 -16.41
C ASP D 102 23.82 29.15 -14.99
N ALA D 103 22.75 28.40 -14.74
CA ALA D 103 22.15 28.40 -13.41
C ALA D 103 22.67 27.25 -12.56
N LEU D 104 23.10 26.17 -13.21
CA LEU D 104 23.53 24.98 -12.48
C LEU D 104 24.84 25.22 -11.73
N ASN D 105 25.73 26.05 -12.28
CA ASN D 105 26.98 26.32 -11.58
C ASN D 105 26.78 27.25 -10.39
N ASN D 106 25.87 28.21 -10.49
CA ASN D 106 25.61 29.01 -9.30
C ASN D 106 24.70 28.30 -8.31
N ILE D 107 24.02 27.22 -8.72
CA ILE D 107 23.39 26.36 -7.72
C ILE D 107 24.46 25.56 -6.97
N ILE D 108 25.37 24.94 -7.72
CA ILE D 108 26.32 24.00 -7.13
C ILE D 108 27.40 24.73 -6.34
N ASN D 109 27.85 25.89 -6.82
CA ASN D 109 28.87 26.61 -6.08
C ASN D 109 28.32 27.35 -4.87
N ASN D 110 27.01 27.55 -4.78
CA ASN D 110 26.42 28.10 -3.57
C ASN D 110 26.38 27.08 -2.43
N ALA D 111 26.56 25.80 -2.74
CA ALA D 111 26.63 24.77 -1.71
C ALA D 111 27.97 24.82 -0.99
N ARG D 112 28.00 24.24 0.21
CA ARG D 112 29.23 24.23 1.00
C ARG D 112 30.26 23.27 0.41
N ASP D 113 29.85 22.02 0.17
CA ASP D 113 30.75 21.00 -0.35
C ASP D 113 30.43 20.63 -1.80
N GLY D 114 29.78 21.53 -2.53
CA GLY D 114 29.44 21.26 -3.91
C GLY D 114 28.45 20.14 -4.13
N CYS D 115 27.58 19.89 -3.15
CA CYS D 115 26.72 18.72 -3.15
C CYS D 115 25.30 19.15 -2.83
N VAL D 116 24.38 18.97 -3.77
CA VAL D 116 23.01 19.45 -3.60
C VAL D 116 22.07 18.26 -3.77
N PRO D 117 20.86 18.35 -3.24
CA PRO D 117 19.85 17.34 -3.56
C PRO D 117 19.46 17.37 -5.02
N LEU D 118 19.08 16.21 -5.53
CA LEU D 118 18.60 16.14 -6.91
C LEU D 118 17.24 16.78 -7.06
N ASN D 119 16.39 16.68 -6.03
CA ASN D 119 15.02 17.18 -6.07
C ASN D 119 14.94 18.68 -6.19
N ILE D 120 16.02 19.41 -5.94
CA ILE D 120 16.03 20.85 -6.17
C ILE D 120 16.67 21.26 -7.48
N ILE D 121 17.20 20.31 -8.26
CA ILE D 121 17.79 20.70 -9.54
C ILE D 121 16.71 21.14 -10.52
N PRO D 122 15.66 20.36 -10.87
CA PRO D 122 14.70 20.94 -11.81
C PRO D 122 13.77 21.97 -11.19
N LEU D 123 13.81 22.12 -9.86
CA LEU D 123 13.01 23.15 -9.22
C LEU D 123 13.64 24.53 -9.36
N THR D 124 14.97 24.61 -9.32
CA THR D 124 15.64 25.90 -9.33
C THR D 124 16.36 26.19 -10.64
N THR D 125 16.44 25.24 -11.56
CA THR D 125 17.23 25.42 -12.77
C THR D 125 16.42 25.31 -14.04
N ALA D 126 15.36 24.49 -14.07
CA ALA D 126 14.68 24.16 -15.32
C ALA D 126 13.91 25.34 -15.87
N ALA D 127 14.06 25.54 -17.17
CA ALA D 127 13.45 26.66 -17.87
C ALA D 127 12.05 26.37 -18.38
N LYS D 128 11.47 25.25 -18.01
CA LYS D 128 10.20 24.82 -18.54
C LYS D 128 9.45 24.04 -17.49
N LEU D 129 8.15 24.27 -17.40
CA LEU D 129 7.32 23.65 -16.39
C LEU D 129 6.10 23.03 -17.06
N MET D 130 5.78 21.80 -16.68
CA MET D 130 4.59 21.11 -17.15
C MET D 130 3.66 20.89 -15.98
N VAL D 131 2.40 21.31 -16.12
CA VAL D 131 1.42 21.20 -15.06
C VAL D 131 0.30 20.31 -15.57
N VAL D 132 0.10 19.18 -14.91
CA VAL D 132 -0.94 18.23 -15.30
C VAL D 132 -2.12 18.43 -14.36
N ILE D 133 -3.24 18.88 -14.92
CA ILE D 133 -4.37 19.35 -14.14
C ILE D 133 -5.58 18.48 -14.42
N PRO D 134 -6.15 17.81 -13.42
CA PRO D 134 -7.23 16.85 -13.67
C PRO D 134 -8.59 17.45 -13.92
N ASP D 135 -8.93 18.59 -13.32
CA ASP D 135 -10.25 19.18 -13.50
C ASP D 135 -10.13 20.70 -13.37
N TYR D 136 -11.24 21.39 -13.68
CA TYR D 136 -11.22 22.84 -13.79
C TYR D 136 -10.99 23.52 -12.46
N ASN D 137 -11.51 22.93 -11.38
CA ASN D 137 -11.39 23.52 -10.05
C ASN D 137 -9.94 23.60 -9.60
N THR D 138 -9.12 22.64 -9.99
CA THR D 138 -7.69 22.74 -9.73
C THR D 138 -7.02 23.73 -10.67
N TYR D 139 -7.54 23.86 -11.90
CA TYR D 139 -6.94 24.76 -12.88
C TYR D 139 -7.08 26.21 -12.45
N LYS D 140 -8.23 26.60 -11.90
CA LYS D 140 -8.39 27.97 -11.47
C LYS D 140 -7.60 28.26 -10.20
N ASN D 141 -7.45 27.26 -9.33
CA ASN D 141 -6.69 27.46 -8.10
C ASN D 141 -5.19 27.35 -8.34
N THR D 142 -4.76 26.92 -9.52
CA THR D 142 -3.34 26.77 -9.79
C THR D 142 -2.84 27.71 -10.88
N CYS D 143 -3.42 27.63 -12.08
CA CYS D 143 -2.90 28.31 -13.25
C CYS D 143 -3.89 29.34 -13.80
N ASP D 144 -4.51 30.10 -12.92
CA ASP D 144 -5.40 31.16 -13.35
C ASP D 144 -4.59 32.31 -13.93
N GLY D 145 -5.02 32.81 -15.09
CA GLY D 145 -4.32 33.86 -15.77
C GLY D 145 -3.19 33.33 -16.62
N THR D 146 -2.60 34.22 -17.41
CA THR D 146 -1.53 33.83 -18.31
C THR D 146 -0.18 33.72 -17.63
N THR D 147 -0.03 34.21 -16.40
CA THR D 147 1.15 33.95 -15.60
C THR D 147 0.70 33.47 -14.23
N PHE D 148 1.51 32.63 -13.61
CA PHE D 148 1.22 32.16 -12.26
C PHE D 148 2.53 32.01 -11.50
N THR D 149 2.42 31.66 -10.22
CA THR D 149 3.56 31.56 -9.33
C THR D 149 3.65 30.12 -8.82
N TYR D 150 4.80 29.50 -9.04
CA TYR D 150 5.08 28.18 -8.48
C TYR D 150 6.57 28.06 -8.30
N ALA D 151 6.96 27.36 -7.23
CA ALA D 151 8.35 27.03 -6.91
C ALA D 151 9.20 28.29 -6.73
N SER D 152 8.57 29.30 -6.11
CA SER D 152 9.12 30.64 -5.91
C SER D 152 9.59 31.25 -7.21
N ALA D 153 8.80 31.06 -8.27
CA ALA D 153 9.10 31.65 -9.55
C ALA D 153 7.79 32.04 -10.21
N LEU D 154 7.90 32.85 -11.25
CA LEU D 154 6.77 33.26 -12.05
C LEU D 154 6.90 32.63 -13.42
N TRP D 155 5.81 32.05 -13.90
CA TRP D 155 5.81 31.30 -15.14
C TRP D 155 4.72 31.85 -16.04
N GLU D 156 5.07 32.14 -17.30
CA GLU D 156 4.10 32.56 -18.29
C GLU D 156 3.69 31.37 -19.15
N ILE D 157 2.39 31.22 -19.35
CA ILE D 157 1.86 30.02 -20.00
C ILE D 157 2.17 30.07 -21.48
N GLN D 158 2.90 29.07 -21.97
CA GLN D 158 3.23 28.95 -23.38
C GLN D 158 2.18 28.19 -24.14
N GLN D 159 1.62 27.13 -23.56
CA GLN D 159 0.67 26.30 -24.28
C GLN D 159 -0.19 25.52 -23.31
N VAL D 160 -1.35 25.06 -23.78
CA VAL D 160 -2.19 24.11 -23.06
C VAL D 160 -2.65 23.04 -24.06
N VAL D 161 -2.33 21.78 -23.77
CA VAL D 161 -2.82 20.68 -24.60
C VAL D 161 -3.71 19.80 -23.74
N ASP D 162 -4.50 18.95 -24.38
CA ASP D 162 -5.41 18.11 -23.64
C ASP D 162 -4.91 16.67 -23.61
N ALA D 163 -5.76 15.75 -23.13
CA ALA D 163 -5.37 14.35 -23.04
C ALA D 163 -5.25 13.67 -24.40
N ASP D 164 -5.82 14.25 -25.45
CA ASP D 164 -5.56 13.82 -26.82
C ASP D 164 -4.39 14.54 -27.45
N SER D 165 -3.72 15.42 -26.69
CA SER D 165 -2.68 16.35 -27.18
C SER D 165 -3.18 17.21 -28.33
N LYS D 166 -4.32 17.85 -28.13
CA LYS D 166 -4.82 18.88 -29.04
C LYS D 166 -4.68 20.23 -28.35
N ILE D 167 -4.31 21.26 -29.12
CA ILE D 167 -4.07 22.58 -28.56
C ILE D 167 -5.39 23.19 -28.10
N VAL D 168 -5.42 23.64 -26.86
CA VAL D 168 -6.57 24.31 -26.26
C VAL D 168 -6.21 25.76 -26.07
N GLN D 169 -7.09 26.66 -26.49
CA GLN D 169 -6.87 28.07 -26.21
C GLN D 169 -7.17 28.36 -24.74
N LEU D 170 -6.57 29.43 -24.23
CA LEU D 170 -6.80 29.78 -22.83
C LEU D 170 -8.19 30.32 -22.63
N SER D 171 -8.79 30.87 -23.69
CA SER D 171 -10.17 31.35 -23.68
C SER D 171 -11.17 30.22 -23.78
N GLU D 172 -10.71 29.00 -24.02
CA GLU D 172 -11.57 27.84 -24.12
C GLU D 172 -11.79 27.14 -22.78
N ILE D 173 -10.90 27.36 -21.81
CA ILE D 173 -11.03 26.73 -20.50
C ILE D 173 -11.93 27.59 -19.65
N SER D 174 -13.18 27.17 -19.50
CA SER D 174 -14.16 27.95 -18.75
C SER D 174 -14.92 27.00 -17.82
N MET D 175 -15.69 27.59 -16.92
CA MET D 175 -16.49 26.80 -15.99
C MET D 175 -17.60 26.05 -16.72
N ASP D 176 -18.23 26.68 -17.71
CA ASP D 176 -19.28 26.00 -18.46
C ASP D 176 -18.71 25.10 -19.55
N ASN D 177 -17.59 25.49 -20.15
CA ASN D 177 -16.99 24.76 -21.25
C ASN D 177 -16.19 23.55 -20.81
N SER D 178 -16.04 23.34 -19.49
CA SER D 178 -15.17 22.28 -18.98
C SER D 178 -15.57 20.83 -19.30
N PRO D 179 -16.86 20.42 -19.41
CA PRO D 179 -17.09 19.04 -19.85
C PRO D 179 -16.80 18.80 -21.31
N ASN D 180 -16.67 19.83 -22.13
CA ASN D 180 -16.34 19.62 -23.53
C ASN D 180 -14.87 19.37 -23.75
N LEU D 181 -14.02 19.71 -22.79
CA LEU D 181 -12.60 19.48 -22.88
C LEU D 181 -12.25 18.08 -22.41
N ALA D 182 -11.13 17.57 -22.90
CA ALA D 182 -10.64 16.24 -22.57
C ALA D 182 -9.61 16.36 -21.45
N TRP D 183 -10.06 16.19 -20.22
CA TRP D 183 -9.21 16.31 -19.05
C TRP D 183 -8.34 15.06 -18.90
N PRO D 184 -7.14 15.18 -18.32
CA PRO D 184 -6.39 16.31 -17.74
C PRO D 184 -5.76 17.23 -18.79
N LEU D 185 -5.58 18.49 -18.43
CA LEU D 185 -4.91 19.45 -19.30
C LEU D 185 -3.45 19.56 -18.90
N ILE D 186 -2.57 19.68 -19.90
CA ILE D 186 -1.15 19.83 -19.66
C ILE D 186 -0.76 21.24 -20.08
N VAL D 187 -0.46 22.06 -19.08
CA VAL D 187 -0.11 23.46 -19.26
C VAL D 187 1.41 23.57 -19.25
N THR D 188 1.96 24.04 -20.36
CA THR D 188 3.39 24.26 -20.50
C THR D 188 3.69 25.75 -20.30
N ALA D 189 4.60 26.04 -19.37
CA ALA D 189 4.93 27.39 -18.98
C ALA D 189 6.44 27.57 -18.95
N LEU D 190 6.88 28.81 -19.12
CA LEU D 190 8.30 29.14 -19.18
C LEU D 190 8.66 30.11 -18.07
N ARG D 191 9.89 29.97 -17.57
CA ARG D 191 10.33 30.74 -16.42
C ARG D 191 10.60 32.18 -16.82
N ALA D 192 10.12 33.11 -15.99
CA ALA D 192 10.26 34.53 -16.28
C ALA D 192 11.58 35.07 -15.75
N LYS E 3 -27.54 -16.12 -21.01
CA LYS E 3 -28.24 -14.85 -21.18
C LYS E 3 -27.37 -13.69 -20.73
N MET E 4 -27.06 -13.64 -19.44
CA MET E 4 -26.11 -12.65 -18.97
C MET E 4 -24.70 -12.97 -19.43
N SER E 5 -24.37 -14.25 -19.55
CA SER E 5 -23.09 -14.65 -20.12
C SER E 5 -22.95 -14.18 -21.55
N ASP E 6 -24.05 -14.23 -22.30
CA ASP E 6 -24.05 -13.77 -23.69
C ASP E 6 -23.83 -12.28 -23.78
N VAL E 7 -24.46 -11.50 -22.89
CA VAL E 7 -24.32 -10.05 -22.99
C VAL E 7 -22.94 -9.61 -22.49
N LYS E 8 -22.34 -10.36 -21.55
CA LYS E 8 -20.98 -10.06 -21.12
C LYS E 8 -19.98 -10.38 -22.21
N CYS E 9 -20.15 -11.53 -22.88
CA CYS E 9 -19.24 -11.92 -23.95
C CYS E 9 -19.34 -10.99 -25.15
N THR E 10 -20.56 -10.55 -25.49
CA THR E 10 -20.68 -9.66 -26.64
C THR E 10 -20.26 -8.23 -26.29
N SER E 11 -20.27 -7.85 -25.00
CA SER E 11 -19.65 -6.58 -24.65
C SER E 11 -18.14 -6.66 -24.75
N VAL E 12 -17.55 -7.84 -24.48
CA VAL E 12 -16.12 -8.03 -24.69
C VAL E 12 -15.78 -7.88 -26.18
N VAL E 13 -16.59 -8.47 -27.05
CA VAL E 13 -16.36 -8.35 -28.49
C VAL E 13 -16.60 -6.92 -28.98
N LEU E 14 -17.61 -6.25 -28.42
CA LEU E 14 -17.94 -4.89 -28.83
C LEU E 14 -16.88 -3.89 -28.41
N LEU E 15 -16.34 -4.02 -27.20
CA LEU E 15 -15.24 -3.13 -26.85
C LEU E 15 -13.98 -3.46 -27.62
N SER E 16 -13.77 -4.73 -27.98
CA SER E 16 -12.59 -5.04 -28.79
C SER E 16 -12.69 -4.45 -30.20
N VAL E 17 -13.90 -4.41 -30.77
CA VAL E 17 -14.02 -3.82 -32.10
C VAL E 17 -14.03 -2.30 -32.03
N LEU E 18 -14.53 -1.72 -30.92
CA LEU E 18 -14.38 -0.27 -30.74
C LEU E 18 -12.92 0.10 -30.50
N GLN E 19 -12.14 -0.80 -29.91
CA GLN E 19 -10.72 -0.54 -29.75
C GLN E 19 -10.01 -0.53 -31.10
N GLN E 20 -10.26 -1.54 -31.94
CA GLN E 20 -9.57 -1.57 -33.22
C GLN E 20 -10.13 -0.58 -34.24
N LEU E 21 -11.21 0.12 -33.91
CA LEU E 21 -11.73 1.22 -34.72
C LEU E 21 -11.19 2.58 -34.28
N ARG E 22 -10.19 2.59 -33.38
CA ARG E 22 -9.53 3.78 -32.85
C ARG E 22 -10.45 4.72 -32.10
N VAL E 23 -11.26 4.19 -31.18
CA VAL E 23 -11.92 5.04 -30.19
C VAL E 23 -10.90 5.58 -29.20
N GLU E 24 -9.80 4.84 -29.03
CA GLU E 24 -8.72 5.22 -28.11
C GLU E 24 -7.99 6.48 -28.53
N SER E 25 -8.20 6.96 -29.76
CA SER E 25 -7.65 8.25 -30.17
C SER E 25 -8.43 9.41 -29.55
N SER E 26 -9.62 9.14 -29.02
CA SER E 26 -10.39 10.12 -28.28
C SER E 26 -10.47 9.67 -26.83
N SER E 27 -9.89 10.46 -25.92
CA SER E 27 -9.83 10.06 -24.52
C SER E 27 -11.20 10.10 -23.86
N LYS E 28 -11.99 11.13 -24.17
CA LYS E 28 -13.29 11.31 -23.55
C LYS E 28 -14.29 10.27 -24.01
N LEU E 29 -14.06 9.63 -25.15
CA LEU E 29 -14.94 8.57 -25.59
C LEU E 29 -14.52 7.22 -25.03
N TRP E 30 -13.21 6.94 -25.06
CA TRP E 30 -12.69 5.67 -24.58
C TRP E 30 -12.91 5.51 -23.08
N ALA E 31 -12.94 6.62 -22.33
CA ALA E 31 -13.26 6.54 -20.91
C ALA E 31 -14.68 6.04 -20.67
N GLN E 32 -15.65 6.55 -21.44
CA GLN E 32 -17.03 6.11 -21.28
C GLN E 32 -17.22 4.70 -21.79
N CYS E 33 -16.47 4.32 -22.83
CA CYS E 33 -16.57 2.97 -23.36
C CYS E 33 -16.04 1.94 -22.38
N VAL E 34 -14.91 2.24 -21.71
CA VAL E 34 -14.41 1.26 -20.74
C VAL E 34 -15.24 1.28 -19.47
N GLN E 35 -15.87 2.42 -19.14
CA GLN E 35 -16.77 2.45 -18.00
C GLN E 35 -18.00 1.58 -18.24
N LEU E 36 -18.57 1.66 -19.44
CA LEU E 36 -19.71 0.80 -19.79
C LEU E 36 -19.31 -0.66 -19.86
N HIS E 37 -18.15 -0.96 -20.44
CA HIS E 37 -17.67 -2.34 -20.56
C HIS E 37 -17.42 -2.97 -19.20
N ASN E 38 -16.74 -2.24 -18.30
CA ASN E 38 -16.45 -2.75 -16.97
C ASN E 38 -17.72 -2.87 -16.14
N ASP E 39 -18.70 -2.02 -16.39
CA ASP E 39 -19.93 -2.10 -15.63
C ASP E 39 -20.87 -3.19 -16.16
N ILE E 40 -20.75 -3.53 -17.44
CA ILE E 40 -21.48 -4.69 -17.96
C ILE E 40 -20.90 -5.97 -17.37
N LEU E 41 -19.57 -6.05 -17.30
CA LEU E 41 -18.92 -7.28 -16.86
C LEU E 41 -19.09 -7.53 -15.36
N LEU E 42 -19.56 -6.53 -14.62
CA LEU E 42 -19.75 -6.67 -13.19
C LEU E 42 -21.19 -6.80 -12.77
N ALA E 43 -22.13 -6.80 -13.72
CA ALA E 43 -23.54 -6.70 -13.41
C ALA E 43 -24.06 -8.00 -12.79
N LYS E 44 -25.10 -7.86 -11.97
CA LYS E 44 -25.75 -8.98 -11.32
C LYS E 44 -27.15 -9.27 -11.85
N ASP E 45 -27.81 -8.28 -12.45
CA ASP E 45 -29.13 -8.47 -13.05
C ASP E 45 -29.10 -7.92 -14.47
N THR E 46 -29.79 -8.63 -15.37
CA THR E 46 -29.57 -8.51 -16.80
C THR E 46 -30.13 -7.21 -17.39
N THR E 47 -31.05 -6.55 -16.68
CA THR E 47 -31.64 -5.32 -17.18
C THR E 47 -30.62 -4.18 -17.22
N GLU E 48 -29.86 -4.04 -16.12
CA GLU E 48 -28.75 -3.09 -16.07
C GLU E 48 -27.74 -3.36 -17.17
N ALA E 49 -27.43 -4.65 -17.39
CA ALA E 49 -26.48 -5.06 -18.41
C ALA E 49 -26.96 -4.69 -19.80
N PHE E 50 -28.26 -4.87 -20.06
CA PHE E 50 -28.75 -4.57 -21.40
C PHE E 50 -28.91 -3.07 -21.64
N GLU E 51 -29.23 -2.30 -20.60
CA GLU E 51 -29.23 -0.85 -20.71
C GLU E 51 -27.83 -0.32 -21.05
N LYS E 52 -26.82 -0.81 -20.33
CA LYS E 52 -25.46 -0.39 -20.62
C LYS E 52 -24.96 -0.95 -21.94
N MET E 53 -25.49 -2.09 -22.36
CA MET E 53 -25.12 -2.68 -23.64
C MET E 53 -25.67 -1.85 -24.80
N VAL E 54 -26.90 -1.34 -24.65
CA VAL E 54 -27.48 -0.43 -25.64
C VAL E 54 -26.67 0.85 -25.71
N SER E 55 -26.30 1.39 -24.55
CA SER E 55 -25.50 2.62 -24.52
C SER E 55 -24.09 2.40 -25.09
N LEU E 56 -23.54 1.19 -24.99
CA LEU E 56 -22.23 0.93 -25.57
C LEU E 56 -22.31 0.67 -27.07
N LEU E 57 -23.38 0.02 -27.54
CA LEU E 57 -23.55 -0.23 -28.97
C LEU E 57 -23.83 1.06 -29.73
N SER E 58 -24.42 2.06 -29.05
CA SER E 58 -24.64 3.35 -29.70
C SER E 58 -23.35 4.05 -30.10
N VAL E 59 -22.24 3.77 -29.42
CA VAL E 59 -20.95 4.30 -29.82
C VAL E 59 -20.51 3.69 -31.14
N LEU E 60 -20.76 2.40 -31.32
CA LEU E 60 -20.42 1.72 -32.57
C LEU E 60 -21.25 2.25 -33.72
N LEU E 61 -22.56 2.37 -33.50
CA LEU E 61 -23.42 2.81 -34.58
C LEU E 61 -23.35 4.31 -34.82
N SER E 62 -22.82 5.08 -33.85
CA SER E 62 -22.83 6.53 -33.94
C SER E 62 -21.74 7.05 -34.86
N MET E 63 -20.78 6.22 -35.25
CA MET E 63 -19.80 6.63 -36.23
C MET E 63 -19.92 5.78 -37.48
N GLN E 64 -19.66 6.41 -38.63
CA GLN E 64 -19.94 5.86 -39.95
C GLN E 64 -18.91 4.85 -40.43
N GLY E 65 -17.95 4.47 -39.57
CA GLY E 65 -16.93 3.50 -39.99
C GLY E 65 -17.47 2.11 -40.20
N ALA E 66 -18.62 1.80 -39.60
CA ALA E 66 -19.32 0.55 -39.88
C ALA E 66 -20.40 0.77 -40.92
N VAL E 67 -20.78 -0.31 -41.59
CA VAL E 67 -21.96 -0.33 -42.44
C VAL E 67 -22.84 -1.49 -41.99
N ASP E 68 -24.06 -1.17 -41.58
CA ASP E 68 -24.98 -2.15 -41.01
C ASP E 68 -25.67 -2.98 -42.08
N ILE E 69 -25.59 -2.55 -43.34
CA ILE E 69 -26.22 -3.29 -44.44
C ILE E 69 -25.42 -4.53 -44.78
N ASN E 70 -24.09 -4.39 -44.89
CA ASN E 70 -23.23 -5.49 -45.30
C ASN E 70 -23.20 -6.60 -44.25
N LYS E 71 -23.34 -6.25 -42.98
CA LYS E 71 -23.39 -7.23 -41.92
C LYS E 71 -24.66 -7.09 -41.10
N THR F 85 -10.68 -7.51 -37.47
CA THR F 85 -11.41 -6.54 -38.29
C THR F 85 -12.80 -7.04 -38.65
N SER F 86 -12.98 -7.39 -39.93
CA SER F 86 -14.28 -7.83 -40.42
C SER F 86 -14.73 -9.14 -39.80
N ALA F 87 -13.81 -10.01 -39.41
CA ALA F 87 -14.18 -11.23 -38.71
C ALA F 87 -14.77 -10.92 -37.34
N MET F 88 -14.20 -9.93 -36.65
CA MET F 88 -14.72 -9.58 -35.33
C MET F 88 -16.03 -8.81 -35.45
N GLN F 89 -16.19 -8.00 -36.49
CA GLN F 89 -17.49 -7.34 -36.72
C GLN F 89 -18.56 -8.36 -37.10
N THR F 90 -18.18 -9.39 -37.87
CA THR F 90 -19.11 -10.43 -38.27
C THR F 90 -19.56 -11.26 -37.08
N MET F 91 -18.61 -11.67 -36.23
CA MET F 91 -19.00 -12.44 -35.05
C MET F 91 -19.72 -11.58 -34.03
N LEU F 92 -19.45 -10.26 -34.03
CA LEU F 92 -20.16 -9.35 -33.14
C LEU F 92 -21.63 -9.26 -33.51
N PHE F 93 -21.91 -9.10 -34.80
CA PHE F 93 -23.32 -9.05 -35.19
C PHE F 93 -23.97 -10.42 -35.21
N THR F 94 -23.18 -11.49 -35.28
CA THR F 94 -23.72 -12.84 -35.10
C THR F 94 -24.23 -13.04 -33.67
N MET F 95 -23.42 -12.66 -32.68
CA MET F 95 -23.90 -12.76 -31.31
C MET F 95 -24.83 -11.63 -30.90
N LEU F 96 -24.91 -10.56 -31.69
CA LEU F 96 -25.95 -9.56 -31.48
C LEU F 96 -27.30 -10.03 -31.98
N ARG F 97 -27.32 -10.82 -33.05
CA ARG F 97 -28.57 -11.43 -33.50
C ARG F 97 -29.06 -12.51 -32.55
N LYS F 98 -28.16 -13.12 -31.78
CA LYS F 98 -28.53 -14.20 -30.88
C LYS F 98 -29.16 -13.69 -29.60
N LEU F 99 -28.79 -12.48 -29.17
CA LEU F 99 -29.27 -11.94 -27.91
C LEU F 99 -30.77 -11.68 -27.93
N ASP F 100 -31.27 -11.16 -29.06
CA ASP F 100 -32.69 -10.98 -29.36
C ASP F 100 -33.37 -10.08 -28.32
N ASN F 101 -32.69 -9.00 -27.98
CA ASN F 101 -33.25 -7.93 -27.16
C ASN F 101 -33.88 -6.90 -28.10
N ASP F 102 -35.06 -6.39 -27.71
CA ASP F 102 -35.80 -5.53 -28.62
C ASP F 102 -35.18 -4.15 -28.76
N ALA F 103 -34.49 -3.67 -27.72
CA ALA F 103 -33.84 -2.37 -27.81
C ALA F 103 -32.64 -2.41 -28.75
N LEU F 104 -31.81 -3.46 -28.62
CA LEU F 104 -30.68 -3.64 -29.53
C LEU F 104 -31.15 -3.86 -30.96
N ASN F 105 -32.24 -4.60 -31.13
CA ASN F 105 -32.78 -4.85 -32.47
C ASN F 105 -33.35 -3.58 -33.07
N ASN F 106 -33.97 -2.74 -32.24
CA ASN F 106 -34.49 -1.46 -32.69
C ASN F 106 -33.37 -0.53 -33.15
N ILE F 107 -32.30 -0.43 -32.36
CA ILE F 107 -31.15 0.43 -32.72
C ILE F 107 -30.47 -0.09 -33.98
N ILE F 108 -30.30 -1.42 -34.07
CA ILE F 108 -29.60 -2.02 -35.21
C ILE F 108 -30.41 -1.86 -36.48
N ASN F 109 -31.72 -2.08 -36.41
CA ASN F 109 -32.58 -1.90 -37.59
C ASN F 109 -32.69 -0.44 -37.98
N ASN F 110 -32.68 0.47 -37.01
CA ASN F 110 -32.70 1.90 -37.30
C ASN F 110 -31.44 2.34 -38.03
N ALA F 111 -30.29 1.75 -37.70
CA ALA F 111 -29.04 2.20 -38.33
C ALA F 111 -28.92 1.78 -39.79
N ARG F 112 -29.66 0.75 -40.23
CA ARG F 112 -29.63 0.39 -41.64
C ARG F 112 -30.44 1.36 -42.48
N ASP F 113 -31.56 1.84 -41.95
CA ASP F 113 -32.41 2.76 -42.67
C ASP F 113 -32.01 4.22 -42.50
N GLY F 114 -30.83 4.48 -41.95
CA GLY F 114 -30.32 5.83 -41.84
C GLY F 114 -30.66 6.55 -40.55
N CYS F 115 -31.32 5.89 -39.61
CA CYS F 115 -31.65 6.50 -38.33
C CYS F 115 -30.52 6.18 -37.35
N VAL F 116 -29.59 7.12 -37.20
CA VAL F 116 -28.33 6.90 -36.50
C VAL F 116 -28.16 7.99 -35.43
N PRO F 117 -27.83 7.65 -34.18
CA PRO F 117 -27.60 8.69 -33.18
C PRO F 117 -26.31 9.46 -33.45
N LEU F 118 -26.27 10.69 -32.94
CA LEU F 118 -25.12 11.57 -33.10
C LEU F 118 -24.17 11.52 -31.91
N ASN F 119 -24.59 10.90 -30.81
CA ASN F 119 -23.78 10.81 -29.60
C ASN F 119 -24.14 9.50 -28.89
N ILE F 120 -23.82 9.42 -27.61
CA ILE F 120 -24.09 8.21 -26.82
C ILE F 120 -25.53 8.28 -26.32
N ILE F 121 -26.27 7.19 -26.53
CA ILE F 121 -27.64 7.11 -26.01
C ILE F 121 -27.59 7.04 -24.49
N PRO F 122 -28.24 7.95 -23.77
CA PRO F 122 -28.02 8.03 -22.33
C PRO F 122 -28.95 7.16 -21.52
N LEU F 123 -28.59 6.93 -20.26
CA LEU F 123 -29.43 6.19 -19.34
C LEU F 123 -30.15 7.10 -18.35
N THR F 124 -30.04 8.42 -18.51
CA THR F 124 -30.71 9.38 -17.65
C THR F 124 -31.64 10.25 -18.50
N THR F 125 -32.72 10.74 -17.88
CA THR F 125 -33.65 11.62 -18.58
C THR F 125 -33.11 13.04 -18.68
N ALA F 126 -31.97 13.32 -18.03
CA ALA F 126 -31.39 14.65 -18.11
C ALA F 126 -30.69 14.88 -19.44
N ALA F 127 -29.92 13.90 -19.92
CA ALA F 127 -29.02 14.13 -21.04
C ALA F 127 -29.78 14.14 -22.36
N LYS F 128 -29.32 14.97 -23.29
CA LYS F 128 -30.01 15.19 -24.54
C LYS F 128 -29.62 14.15 -25.58
N LEU F 129 -30.61 13.71 -26.34
CA LEU F 129 -30.43 12.67 -27.35
C LEU F 129 -30.52 13.30 -28.73
N MET F 130 -29.51 13.04 -29.56
CA MET F 130 -29.36 13.66 -30.87
C MET F 130 -29.44 12.58 -31.94
N VAL F 131 -30.59 12.47 -32.62
CA VAL F 131 -30.82 11.41 -33.58
C VAL F 131 -31.07 12.03 -34.95
N VAL F 132 -30.36 11.55 -35.97
CA VAL F 132 -30.62 12.02 -37.32
C VAL F 132 -31.82 11.26 -37.88
N ILE F 133 -32.61 11.93 -38.71
CA ILE F 133 -33.73 11.30 -39.43
C ILE F 133 -33.49 11.54 -40.91
N PRO F 134 -33.47 10.48 -41.74
CA PRO F 134 -33.13 10.67 -43.16
C PRO F 134 -34.31 10.89 -44.09
N ASP F 135 -35.53 10.54 -43.70
CA ASP F 135 -36.70 10.73 -44.56
C ASP F 135 -37.97 10.72 -43.71
N TYR F 136 -39.07 11.14 -44.33
CA TYR F 136 -40.36 11.28 -43.64
C TYR F 136 -40.99 9.92 -43.30
N ASN F 137 -40.74 8.90 -44.12
CA ASN F 137 -41.28 7.59 -43.78
C ASN F 137 -40.56 7.04 -42.56
N THR F 138 -39.25 7.28 -42.46
CA THR F 138 -38.53 6.99 -41.24
C THR F 138 -38.97 7.90 -40.11
N TYR F 139 -39.42 9.11 -40.42
CA TYR F 139 -39.89 10.04 -39.40
C TYR F 139 -41.18 9.53 -38.74
N LYS F 140 -42.17 9.15 -39.54
CA LYS F 140 -43.40 8.62 -38.95
C LYS F 140 -43.28 7.17 -38.52
N ASN F 141 -42.23 6.47 -38.97
CA ASN F 141 -41.94 5.15 -38.43
C ASN F 141 -41.25 5.24 -37.08
N THR F 142 -40.56 6.35 -36.81
CA THR F 142 -39.83 6.53 -35.56
C THR F 142 -40.60 7.32 -34.51
N CYS F 143 -41.33 8.36 -34.91
CA CYS F 143 -42.06 9.19 -33.97
C CYS F 143 -43.43 9.52 -34.53
N ASP F 144 -44.39 9.69 -33.61
CA ASP F 144 -45.74 10.14 -33.93
C ASP F 144 -46.12 11.23 -32.95
N GLY F 145 -46.34 12.45 -33.46
CA GLY F 145 -46.73 13.56 -32.63
C GLY F 145 -45.56 14.26 -31.99
N THR F 146 -45.53 14.30 -30.66
CA THR F 146 -44.41 14.89 -29.93
C THR F 146 -43.55 13.87 -29.21
N THR F 147 -44.03 12.64 -29.07
CA THR F 147 -43.30 11.57 -28.41
C THR F 147 -42.58 10.70 -29.44
N PHE F 148 -41.57 9.98 -28.97
CA PHE F 148 -40.55 9.42 -29.85
C PHE F 148 -40.18 8.04 -29.31
N THR F 149 -40.38 7.01 -30.12
CA THR F 149 -40.05 5.65 -29.75
C THR F 149 -38.65 5.35 -30.26
N TYR F 150 -37.69 5.22 -29.34
CA TYR F 150 -36.32 4.91 -29.71
C TYR F 150 -35.67 4.14 -28.58
N ALA F 151 -34.86 3.14 -28.96
CA ALA F 151 -34.09 2.28 -28.05
C ALA F 151 -35.00 1.56 -27.06
N SER F 152 -36.19 1.16 -27.54
CA SER F 152 -37.29 0.65 -26.71
C SER F 152 -37.57 1.57 -25.52
N ALA F 153 -37.66 2.86 -25.81
CA ALA F 153 -37.90 3.86 -24.79
C ALA F 153 -38.74 4.98 -25.39
N LEU F 154 -39.37 5.74 -24.52
CA LEU F 154 -40.18 6.89 -24.89
C LEU F 154 -39.38 8.16 -24.59
N TRP F 155 -39.36 9.07 -25.56
CA TRP F 155 -38.64 10.33 -25.43
C TRP F 155 -39.53 11.42 -26.00
N GLU F 156 -39.89 12.41 -25.19
CA GLU F 156 -40.59 13.56 -25.77
C GLU F 156 -39.60 14.45 -26.51
N ILE F 157 -39.96 14.82 -27.73
CA ILE F 157 -39.09 15.66 -28.55
C ILE F 157 -39.07 17.07 -27.99
N GLN F 158 -37.88 17.62 -27.81
CA GLN F 158 -37.77 19.02 -27.41
C GLN F 158 -37.39 19.93 -28.57
N GLN F 159 -36.51 19.50 -29.46
CA GLN F 159 -35.98 20.45 -30.43
C GLN F 159 -35.67 19.72 -31.72
N VAL F 160 -35.83 20.40 -32.86
CA VAL F 160 -35.63 19.79 -34.18
C VAL F 160 -34.88 20.78 -35.08
N VAL F 161 -33.80 20.33 -35.71
CA VAL F 161 -32.98 21.19 -36.57
C VAL F 161 -32.79 20.50 -37.92
N ASP F 162 -33.13 21.19 -39.01
CA ASP F 162 -32.83 20.68 -40.34
C ASP F 162 -31.42 21.08 -40.77
N ALA F 163 -30.94 20.42 -41.82
CA ALA F 163 -29.55 20.40 -42.30
C ALA F 163 -28.86 21.75 -42.43
N ASP F 164 -29.59 22.80 -42.78
CA ASP F 164 -29.03 24.13 -42.91
C ASP F 164 -29.04 24.90 -41.59
N SER F 165 -29.19 24.19 -40.47
CA SER F 165 -29.16 24.74 -39.10
C SER F 165 -30.24 25.80 -38.87
N LYS F 166 -31.39 25.62 -39.50
CA LYS F 166 -32.57 26.41 -39.22
C LYS F 166 -33.46 25.63 -38.28
N ILE F 167 -33.86 26.27 -37.17
CA ILE F 167 -34.68 25.60 -36.16
C ILE F 167 -36.06 25.36 -36.74
N VAL F 168 -36.42 24.10 -36.85
CA VAL F 168 -37.68 23.67 -37.44
C VAL F 168 -38.63 23.31 -36.31
N GLN F 169 -39.86 23.80 -36.38
CA GLN F 169 -40.85 23.46 -35.37
C GLN F 169 -41.44 22.08 -35.69
N LEU F 170 -42.05 21.46 -34.68
CA LEU F 170 -42.66 20.15 -34.86
C LEU F 170 -43.86 20.20 -35.77
N SER F 171 -44.66 21.26 -35.69
CA SER F 171 -45.80 21.40 -36.58
C SER F 171 -45.39 21.88 -37.97
N GLU F 172 -44.14 22.35 -38.12
CA GLU F 172 -43.65 22.78 -39.42
C GLU F 172 -43.53 21.63 -40.41
N ILE F 173 -43.24 20.42 -39.92
CA ILE F 173 -42.86 19.33 -40.82
C ILE F 173 -44.07 18.44 -41.13
N SER F 174 -44.20 18.10 -42.41
CA SER F 174 -45.03 17.00 -42.89
C SER F 174 -44.41 16.53 -44.20
N MET F 175 -45.14 15.67 -44.92
CA MET F 175 -44.59 15.11 -46.16
C MET F 175 -44.56 16.14 -47.28
N ASP F 176 -45.48 17.10 -47.26
CA ASP F 176 -45.43 18.21 -48.20
C ASP F 176 -44.34 19.20 -47.85
N ASN F 177 -44.06 19.34 -46.55
CA ASN F 177 -42.99 20.19 -46.05
C ASN F 177 -41.64 19.51 -46.08
N SER F 178 -41.61 18.20 -46.29
CA SER F 178 -40.38 17.42 -46.34
C SER F 178 -39.47 17.79 -47.53
N PRO F 179 -39.97 18.11 -48.74
CA PRO F 179 -39.06 18.72 -49.72
C PRO F 179 -38.66 20.15 -49.37
N ASN F 180 -39.49 20.87 -48.62
CA ASN F 180 -39.22 22.28 -48.32
C ASN F 180 -38.05 22.44 -47.35
N TRP F 183 -31.56 16.88 -47.16
CA TRP F 183 -32.70 16.51 -46.32
C TRP F 183 -32.45 16.27 -44.81
N PRO F 184 -31.58 15.33 -44.40
CA PRO F 184 -31.74 14.69 -43.08
C PRO F 184 -31.55 15.63 -41.91
N LEU F 185 -32.40 15.48 -40.89
CA LEU F 185 -32.56 16.51 -39.87
C LEU F 185 -32.39 15.90 -38.48
N ILE F 186 -31.76 16.63 -37.58
CA ILE F 186 -31.47 16.11 -36.25
C ILE F 186 -32.63 16.41 -35.32
N VAL F 187 -32.82 15.54 -34.33
CA VAL F 187 -33.87 15.63 -33.35
C VAL F 187 -33.21 15.52 -31.98
N THR F 188 -33.48 16.50 -31.11
CA THR F 188 -33.00 16.54 -29.75
C THR F 188 -34.16 16.20 -28.83
N ALA F 189 -34.00 15.13 -28.05
CA ALA F 189 -35.07 14.59 -27.22
C ALA F 189 -34.54 14.35 -25.80
N LEU F 190 -35.48 14.10 -24.88
CA LEU F 190 -35.18 13.79 -23.48
C LEU F 190 -36.10 12.65 -23.05
N ARG F 191 -35.62 11.81 -22.14
CA ARG F 191 -36.29 10.55 -21.84
C ARG F 191 -37.55 10.76 -21.00
N ALA F 192 -38.61 10.04 -21.35
CA ALA F 192 -39.87 10.07 -20.60
C ALA F 192 -39.80 9.23 -19.34
OAG 1RP G . -1.73 -11.84 -5.31
PAX 1RP G . -1.13 -11.62 -3.99
OAH 1RP G . -2.00 -11.20 -3.02
O5' 1RP G . -0.03 -10.60 -4.23
C5' 1RP G . 1.02 -10.59 -3.02
C4' 1RP G . 2.27 -9.84 -3.44
O4' 1RP G . 3.12 -10.58 -4.35
C3' 1RP G . 1.97 -8.53 -4.19
O3' 1RP G . 1.53 -7.50 -3.31
C2' 1RP G . 3.36 -8.28 -4.81
O2' 1RP G . 4.31 -7.93 -3.83
C1' 1RP G . 3.66 -9.70 -5.32
NAW 1RP G . 3.04 -10.00 -6.63
CAQ 1RP G . 3.77 -9.80 -7.77
OAD 1RP G . 4.93 -9.38 -7.69
CAJ 1RP G . 1.77 -10.46 -6.71
CAP 1RP G . 1.23 -10.73 -7.96
FAI 1RP G . -0.02 -11.20 -8.09
NAL 1RP G . 1.94 -10.53 -9.08
CAR 1RP G . 3.19 -10.08 -8.99
CAO 1RP G . 3.97 -9.87 -10.26
OAB 1RP G . 5.15 -9.50 -10.23
NAA 1RP G . 3.32 -10.13 -11.38
ZN ZN H . 23.10 3.17 15.61
ZN ZN I . 28.32 -11.27 1.10
P1 POP J . -6.14 -5.88 -2.11
O1 POP J . -5.99 -5.64 -0.63
O2 POP J . -7.21 -6.91 -2.44
O3 POP J . -6.19 -4.64 -2.95
O POP J . -4.76 -6.61 -2.55
P2 POP J . -4.57 -7.26 -4.01
O4 POP J . -5.24 -8.61 -3.87
O5 POP J . -3.08 -7.32 -4.19
O6 POP J . -5.27 -6.31 -4.95
MG MG K . -4.32 -8.62 -0.86
MG MG L . -2.60 -13.04 -0.95
P1 POP M . -1.64 5.16 41.41
O1 POP M . -0.98 6.03 42.43
O2 POP M . -0.84 5.11 40.14
O3 POP M . -2.99 5.74 41.10
O POP M . -1.88 3.70 42.01
P2 POP M . -0.80 2.52 42.03
O4 POP M . 0.26 2.79 43.07
O5 POP M . -1.51 1.25 42.38
O6 POP M . -0.14 2.40 40.69
MG MG N . 0.33 3.64 39.07
MG MG O . 2.78 2.95 42.97
#